data_4F2S
#
_entry.id   4F2S
#
_cell.length_a   93.180
_cell.length_b   108.590
_cell.length_c   150.990
_cell.angle_alpha   90.00
_cell.angle_beta   90.00
_cell.angle_gamma   90.00
#
_symmetry.space_group_name_H-M   'P 21 21 21'
#
loop_
_entity.id
_entity.type
_entity.pdbx_description
1 polymer 'DNA polymerase'
2 polymer "DNA (5'-D(*CP*CP*TP*GP*AP*CP*TP*CP*(DOC))-3')"
3 polymer "DNA (5'-D(*CP*AP*TP*GP*GP*GP*AP*GP*TP*CP*AP*GP*G)-3')"
4 branched beta-D-fructofuranose-(2-1)-alpha-D-glucopyranose
5 non-polymer "CYTIDINE-5'-TRIPHOSPHATE"
6 non-polymer 'MANGANESE (II) ION'
7 non-polymer 'SULFATE ION'
8 water water
#
loop_
_entity_poly.entity_id
_entity_poly.type
_entity_poly.pdbx_seq_one_letter_code
_entity_poly.pdbx_strand_id
1 'polypeptide(L)'
;MESPSSEEEKPLAKMAFTLADRVTEEMLADKAALVVEVVEENYHDAPIVGIAVVNEHGRFFLRPETALADPQFVAWLGDE
TKKKSMFDSKRAAVALKWKGIELCGVSFDLLLAAYLLDPAQGVDDVAAAAKMKQYEAVRPDEAVYGKGAKRAVPDEPVLA
EHLVRKAAAIWELERPFLDELRRNEQDRLLVELEQPLSSILAEMEFAGVKVDTKRLEQMGKELAEQLGTVEQRIYELAGQ
EFNINSPKQLGVILFEKLQLPVLKKTKTGYSTSADVLEKLAPYHEIVENILHYRQLGKLQSTYIEGLLKVVRPATKKVHT
IFNQALTQTGRLSSTEPNLQNIPIRLEEGRKIRQAFVPSESDWLIFAADYSQIELRVLAHIAEDDNLMEAFRRDLDIHTK
TAMDIFQVSEDEVTPNMRRQAKAVNYGIVYGISDYGLAQNLNISRKEAAEFIERYFESFPGVKRYMENIVQEAKQKGYVT
TLLHRRRYLPDITSRNFNVRSFAERMAMNTPIQGSAADIIKKAMIDLNARLKEERLQAHLLLQVHDELILEAPKEEMERL
CRLVPEVMEQAVTLRVPLKVDYHYGSTWYDAK
;
A,D
2 'polydeoxyribonucleotide' (DC)(DC)(DT)(DG)(DA)(DC)(DT)(DC)(DOC) B,E
3 'polydeoxyribonucleotide' (DC)(DA)(DT)(DG)(DG)(DG)(DA)(DG)(DT)(DC)(DA)(DG)(DG) C,F
#
loop_
_chem_comp.id
_chem_comp.type
_chem_comp.name
_chem_comp.formula
CTP non-polymer CYTIDINE-5'-TRIPHOSPHATE 'C9 H16 N3 O14 P3'
DA DNA linking 2'-DEOXYADENOSINE-5'-MONOPHOSPHATE 'C10 H14 N5 O6 P'
DC DNA linking 2'-DEOXYCYTIDINE-5'-MONOPHOSPHATE 'C9 H14 N3 O7 P'
DG DNA linking 2'-DEOXYGUANOSINE-5'-MONOPHOSPHATE 'C10 H14 N5 O7 P'
DOC DNA linking 2',3'-DIDEOXYCYTIDINE-5'-MONOPHOSPHATE 'C9 H14 N3 O6 P'
DT DNA linking THYMIDINE-5'-MONOPHOSPHATE 'C10 H15 N2 O8 P'
FRU D-saccharide, beta linking beta-D-fructofuranose 'C6 H12 O6'
GLC D-saccharide, alpha linking alpha-D-glucopyranose 'C6 H12 O6'
MN non-polymer 'MANGANESE (II) ION' 'Mn 2'
SO4 non-polymer 'SULFATE ION' 'O4 S -2'
#
# COMPACT_ATOMS: atom_id res chain seq x y z
N MET A 15 20.47 -9.35 -24.67
CA MET A 15 21.17 -9.75 -23.46
C MET A 15 22.20 -10.85 -23.73
N ALA A 16 23.47 -10.51 -23.50
CA ALA A 16 24.56 -11.41 -23.80
C ALA A 16 24.69 -12.50 -22.73
N PHE A 17 24.96 -13.72 -23.17
CA PHE A 17 25.28 -14.80 -22.25
C PHE A 17 26.12 -15.84 -22.95
N THR A 18 26.75 -16.70 -22.15
CA THR A 18 27.56 -17.78 -22.67
C THR A 18 26.80 -19.08 -22.64
N LEU A 19 26.64 -19.71 -23.80
CA LEU A 19 26.07 -21.06 -23.81
C LEU A 19 27.26 -22.00 -23.63
N ALA A 20 27.45 -22.45 -22.40
CA ALA A 20 28.70 -23.11 -22.01
C ALA A 20 28.64 -24.62 -22.14
N ASP A 21 29.79 -25.20 -22.51
CA ASP A 21 29.91 -26.64 -22.71
C ASP A 21 30.57 -27.30 -21.50
N ARG A 22 31.18 -26.49 -20.66
CA ARG A 22 31.78 -27.01 -19.43
C ARG A 22 31.68 -25.99 -18.31
N VAL A 23 31.71 -26.48 -17.07
CA VAL A 23 31.71 -25.59 -15.93
C VAL A 23 33.08 -24.96 -15.77
N THR A 24 33.11 -23.64 -15.57
CA THR A 24 34.35 -22.95 -15.30
C THR A 24 34.29 -22.30 -13.92
N GLU A 25 35.46 -21.99 -13.39
CA GLU A 25 35.57 -21.41 -12.05
C GLU A 25 34.75 -20.13 -11.89
N GLU A 26 34.69 -19.29 -12.92
CA GLU A 26 33.94 -18.04 -12.76
C GLU A 26 32.42 -18.28 -12.62
N MET A 27 31.94 -19.46 -12.99
CA MET A 27 30.51 -19.76 -12.79
C MET A 27 30.21 -20.07 -11.32
N LEU A 28 31.27 -20.27 -10.53
CA LEU A 28 31.11 -20.77 -9.16
C LEU A 28 31.42 -19.69 -8.11
N ALA A 29 30.98 -18.46 -8.37
CA ALA A 29 31.26 -17.36 -7.45
C ALA A 29 30.39 -17.48 -6.20
N ASP A 30 30.72 -16.71 -5.17
CA ASP A 30 30.07 -16.91 -3.88
C ASP A 30 28.75 -16.14 -3.75
N LYS A 31 28.32 -15.51 -4.84
CA LYS A 31 26.97 -14.98 -4.94
C LYS A 31 26.49 -15.10 -6.40
N ALA A 32 25.29 -15.63 -6.58
CA ALA A 32 24.75 -15.86 -7.94
C ALA A 32 23.25 -15.95 -7.92
N ALA A 33 22.64 -15.57 -9.04
CA ALA A 33 21.27 -15.98 -9.33
C ALA A 33 21.37 -17.33 -10.04
N LEU A 34 20.53 -18.27 -9.64
CA LEU A 34 20.56 -19.64 -10.14
C LEU A 34 19.18 -20.07 -10.57
N VAL A 35 19.10 -20.63 -11.77
CA VAL A 35 17.87 -21.23 -12.27
C VAL A 35 18.14 -22.70 -12.57
N VAL A 36 17.35 -23.56 -11.93
CA VAL A 36 17.40 -25.00 -12.17
C VAL A 36 16.01 -25.39 -12.63
N GLU A 37 15.83 -25.41 -13.95
CA GLU A 37 14.49 -25.35 -14.54
C GLU A 37 13.81 -26.71 -14.56
N VAL A 38 12.65 -26.76 -13.93
CA VAL A 38 11.76 -27.91 -13.99
C VAL A 38 10.38 -27.43 -14.50
N VAL A 39 10.00 -27.93 -15.68
CA VAL A 39 8.83 -27.44 -16.40
C VAL A 39 7.57 -28.22 -16.07
N GLU A 40 7.71 -29.51 -15.75
CA GLU A 40 6.56 -30.26 -15.28
C GLU A 40 6.02 -29.59 -14.03
N GLU A 41 4.70 -29.45 -13.93
CA GLU A 41 4.12 -28.76 -12.79
C GLU A 41 4.45 -29.51 -11.50
N ASN A 42 4.37 -30.82 -11.57
CA ASN A 42 4.72 -31.68 -10.43
C ASN A 42 6.17 -32.06 -10.58
N TYR A 43 6.99 -31.48 -9.73
CA TYR A 43 8.43 -31.60 -9.87
C TYR A 43 9.06 -32.87 -9.27
N HIS A 44 8.25 -33.78 -8.69
CA HIS A 44 8.81 -34.96 -8.08
C HIS A 44 9.33 -35.89 -9.17
N ASP A 45 10.60 -36.22 -9.08
CA ASP A 45 11.28 -37.14 -10.03
C ASP A 45 11.11 -36.61 -11.45
N ALA A 46 11.13 -35.28 -11.58
CA ALA A 46 10.87 -34.62 -12.84
C ALA A 46 12.19 -34.26 -13.48
N PRO A 47 12.19 -34.13 -14.81
CA PRO A 47 13.45 -33.77 -15.46
C PRO A 47 13.86 -32.31 -15.22
N ILE A 48 15.18 -32.09 -15.19
CA ILE A 48 15.72 -30.73 -15.15
C ILE A 48 16.13 -30.45 -16.59
N VAL A 49 15.58 -29.39 -17.18
CA VAL A 49 15.73 -29.19 -18.61
C VAL A 49 16.85 -28.22 -18.95
N GLY A 50 17.28 -27.43 -17.96
CA GLY A 50 18.36 -26.49 -18.19
C GLY A 50 18.74 -25.72 -16.94
N ILE A 51 19.93 -25.15 -16.95
CA ILE A 51 20.43 -24.42 -15.80
C ILE A 51 20.99 -23.08 -16.26
N ALA A 52 20.73 -22.03 -15.49
CA ALA A 52 21.37 -20.73 -15.77
C ALA A 52 21.96 -20.19 -14.49
N VAL A 53 23.08 -19.50 -14.64
CA VAL A 53 23.75 -18.83 -13.54
C VAL A 53 24.10 -17.42 -13.98
N VAL A 54 23.73 -16.44 -13.16
CA VAL A 54 24.17 -15.05 -13.37
C VAL A 54 24.89 -14.59 -12.12
N ASN A 55 26.10 -14.06 -12.32
CA ASN A 55 26.86 -13.55 -11.21
C ASN A 55 27.68 -12.35 -11.69
N GLU A 56 28.62 -11.91 -10.85
CA GLU A 56 29.42 -10.72 -11.16
C GLU A 56 30.25 -10.87 -12.42
N HIS A 57 30.51 -12.11 -12.82
CA HIS A 57 31.43 -12.40 -13.89
C HIS A 57 30.76 -12.58 -15.25
N GLY A 58 29.45 -12.82 -15.23
CA GLY A 58 28.70 -12.96 -16.47
C GLY A 58 27.41 -13.74 -16.31
N ARG A 59 26.89 -14.21 -17.45
CA ARG A 59 25.68 -15.00 -17.50
C ARG A 59 25.95 -16.27 -18.28
N PHE A 60 25.48 -17.38 -17.74
CA PHE A 60 25.83 -18.70 -18.27
C PHE A 60 24.62 -19.61 -18.36
N PHE A 61 24.55 -20.35 -19.45
CA PHE A 61 23.62 -21.46 -19.57
C PHE A 61 24.38 -22.78 -19.62
N LEU A 62 23.91 -23.75 -18.83
CA LEU A 62 24.54 -25.05 -18.74
C LEU A 62 23.52 -26.13 -19.02
N ARG A 63 23.98 -27.18 -19.71
CA ARG A 63 23.15 -28.35 -19.91
C ARG A 63 23.22 -29.15 -18.62
N PRO A 64 22.07 -29.67 -18.17
CA PRO A 64 21.99 -30.46 -16.94
C PRO A 64 22.93 -31.66 -16.95
N GLU A 65 22.96 -32.39 -18.06
CA GLU A 65 23.78 -33.60 -18.18
C GLU A 65 25.24 -33.28 -17.88
N THR A 66 25.66 -32.08 -18.25
CA THR A 66 27.01 -31.61 -18.03
C THR A 66 27.22 -31.20 -16.58
N ALA A 67 26.52 -30.12 -16.20
CA ALA A 67 26.70 -29.47 -14.91
C ALA A 67 26.45 -30.43 -13.74
N LEU A 68 25.40 -31.24 -13.84
CA LEU A 68 25.01 -32.09 -12.72
C LEU A 68 25.92 -33.31 -12.59
N ALA A 69 26.77 -33.53 -13.59
CA ALA A 69 27.79 -34.59 -13.55
C ALA A 69 29.16 -34.02 -13.19
N ASP A 70 29.23 -32.69 -13.08
CA ASP A 70 30.49 -32.02 -12.83
C ASP A 70 30.69 -31.89 -11.33
N PRO A 71 31.71 -32.57 -10.79
CA PRO A 71 31.90 -32.51 -9.33
C PRO A 71 32.07 -31.11 -8.77
N GLN A 72 32.71 -30.18 -9.48
CA GLN A 72 32.85 -28.83 -8.95
C GLN A 72 31.51 -28.08 -8.87
N PHE A 73 30.67 -28.25 -9.88
CA PHE A 73 29.39 -27.56 -9.86
C PHE A 73 28.51 -28.16 -8.75
N VAL A 74 28.58 -29.47 -8.60
CA VAL A 74 27.82 -30.11 -7.55
C VAL A 74 28.27 -29.66 -6.15
N ALA A 75 29.59 -29.52 -5.95
CA ALA A 75 30.11 -28.98 -4.69
C ALA A 75 29.61 -27.57 -4.43
N TRP A 76 29.60 -26.76 -5.47
CA TRP A 76 29.17 -25.39 -5.35
C TRP A 76 27.68 -25.38 -4.92
N LEU A 77 26.85 -26.18 -5.57
CA LEU A 77 25.42 -26.22 -5.25
C LEU A 77 25.20 -26.53 -3.78
N GLY A 78 25.98 -27.47 -3.27
CA GLY A 78 25.81 -27.92 -1.91
C GLY A 78 26.55 -27.12 -0.85
N ASP A 79 27.25 -26.06 -1.28
CA ASP A 79 28.05 -25.28 -0.35
C ASP A 79 27.23 -24.11 0.21
N GLU A 80 26.93 -24.15 1.50
CA GLU A 80 26.02 -23.17 2.08
C GLU A 80 26.60 -21.74 2.11
N THR A 81 27.91 -21.60 1.96
CA THR A 81 28.52 -20.29 1.97
C THR A 81 28.54 -19.68 0.57
N LYS A 82 28.13 -20.45 -0.43
CA LYS A 82 28.00 -19.92 -1.77
C LYS A 82 26.53 -19.56 -1.93
N LYS A 83 26.21 -18.27 -1.93
CA LYS A 83 24.81 -17.88 -1.81
C LYS A 83 24.13 -17.78 -3.18
N LYS A 84 22.93 -18.38 -3.25
CA LYS A 84 22.11 -18.34 -4.45
C LYS A 84 20.82 -17.58 -4.24
N SER A 85 20.45 -16.79 -5.24
CA SER A 85 19.14 -16.17 -5.30
CA SER A 85 19.14 -16.17 -5.30
C SER A 85 18.35 -16.91 -6.36
N MET A 86 17.14 -17.34 -6.01
CA MET A 86 16.34 -18.17 -6.88
C MET A 86 14.89 -17.72 -6.91
N PHE A 87 14.09 -18.36 -7.77
CA PHE A 87 12.62 -18.29 -7.72
C PHE A 87 12.09 -19.71 -7.55
N ASP A 88 11.33 -19.97 -6.48
CA ASP A 88 10.83 -21.32 -6.17
C ASP A 88 12.01 -22.30 -5.96
N SER A 89 12.81 -22.00 -4.94
CA SER A 89 13.94 -22.86 -4.62
C SER A 89 13.49 -24.23 -4.13
N LYS A 90 12.27 -24.34 -3.61
CA LYS A 90 11.83 -25.68 -3.18
C LYS A 90 11.68 -26.63 -4.37
N ARG A 91 11.12 -26.13 -5.47
CA ARG A 91 10.99 -26.91 -6.72
C ARG A 91 12.38 -27.44 -7.13
N ALA A 92 13.34 -26.53 -7.18
CA ALA A 92 14.70 -26.94 -7.57
C ALA A 92 15.31 -27.91 -6.56
N ALA A 93 15.19 -27.59 -5.28
CA ALA A 93 15.76 -28.45 -4.25
C ALA A 93 15.21 -29.86 -4.33
N VAL A 94 13.90 -29.99 -4.52
CA VAL A 94 13.31 -31.33 -4.55
C VAL A 94 13.69 -32.06 -5.83
N ALA A 95 13.60 -31.38 -6.97
CA ALA A 95 14.02 -32.02 -8.22
C ALA A 95 15.46 -32.49 -8.12
N LEU A 96 16.30 -31.72 -7.44
CA LEU A 96 17.70 -32.09 -7.27
C LEU A 96 17.83 -33.29 -6.30
N LYS A 97 17.01 -33.30 -5.25
CA LYS A 97 17.03 -34.41 -4.28
C LYS A 97 16.73 -35.72 -4.99
N TRP A 98 15.82 -35.67 -5.95
CA TRP A 98 15.49 -36.89 -6.69
C TRP A 98 16.64 -37.38 -7.56
N LYS A 99 17.66 -36.54 -7.71
CA LYS A 99 18.89 -36.88 -8.43
C LYS A 99 20.05 -37.12 -7.47
N GLY A 100 19.78 -37.04 -6.17
CA GLY A 100 20.79 -37.24 -5.15
C GLY A 100 21.77 -36.08 -4.98
N ILE A 101 21.30 -34.89 -5.34
CA ILE A 101 22.13 -33.68 -5.27
C ILE A 101 21.55 -32.69 -4.26
N GLU A 102 22.39 -32.20 -3.35
CA GLU A 102 21.94 -31.30 -2.29
C GLU A 102 22.19 -29.84 -2.71
N LEU A 103 21.13 -29.03 -2.58
CA LEU A 103 21.19 -27.56 -2.80
C LEU A 103 21.15 -26.84 -1.45
N CYS A 104 22.18 -26.05 -1.16
CA CYS A 104 22.26 -25.26 0.07
C CYS A 104 22.61 -23.81 -0.27
N GLY A 105 22.51 -22.93 0.71
CA GLY A 105 22.93 -21.54 0.52
C GLY A 105 21.95 -20.65 -0.22
N VAL A 106 20.68 -21.06 -0.30
CA VAL A 106 19.68 -20.21 -0.91
C VAL A 106 19.38 -19.07 0.09
N SER A 107 19.74 -17.83 -0.28
CA SER A 107 19.59 -16.69 0.62
C SER A 107 18.41 -15.79 0.24
N PHE A 108 17.88 -15.97 -0.96
CA PHE A 108 16.76 -15.16 -1.46
C PHE A 108 15.90 -15.96 -2.41
N ASP A 109 14.60 -16.04 -2.12
CA ASP A 109 13.64 -16.72 -2.98
C ASP A 109 12.61 -15.70 -3.42
N LEU A 110 12.68 -15.32 -4.70
CA LEU A 110 11.80 -14.30 -5.26
C LEU A 110 10.32 -14.67 -5.25
N LEU A 111 9.99 -15.96 -5.31
CA LEU A 111 8.59 -16.36 -5.23
C LEU A 111 8.05 -16.03 -3.83
N LEU A 112 8.80 -16.41 -2.81
CA LEU A 112 8.36 -16.14 -1.44
C LEU A 112 8.33 -14.64 -1.13
N ALA A 113 9.30 -13.91 -1.65
CA ALA A 113 9.31 -12.44 -1.48
C ALA A 113 8.06 -11.82 -2.10
N ALA A 114 7.74 -12.21 -3.32
CA ALA A 114 6.56 -11.64 -4.00
C ALA A 114 5.28 -12.00 -3.25
N TYR A 115 5.20 -13.23 -2.80
CA TYR A 115 4.06 -13.69 -2.04
C TYR A 115 3.84 -12.91 -0.77
N LEU A 116 4.90 -12.65 -0.02
CA LEU A 116 4.75 -11.83 1.17
C LEU A 116 4.35 -10.40 0.85
N LEU A 117 4.88 -9.83 -0.23
CA LEU A 117 4.51 -8.44 -0.55
C LEU A 117 3.03 -8.31 -0.91
N ASP A 118 2.46 -9.29 -1.61
CA ASP A 118 1.03 -9.27 -1.93
C ASP A 118 0.57 -10.61 -2.47
N PRO A 119 -0.01 -11.41 -1.56
CA PRO A 119 -0.48 -12.72 -2.00
C PRO A 119 -1.58 -12.66 -3.07
N ALA A 120 -2.26 -11.54 -3.20
CA ALA A 120 -3.41 -11.45 -4.11
C ALA A 120 -2.95 -11.40 -5.56
N GLN A 121 -1.67 -11.11 -5.76
CA GLN A 121 -1.17 -10.96 -7.14
C GLN A 121 -1.10 -12.32 -7.80
N GLY A 122 -1.04 -13.37 -6.99
CA GLY A 122 -0.92 -14.72 -7.51
C GLY A 122 0.34 -14.95 -8.33
N VAL A 123 1.42 -14.33 -7.91
CA VAL A 123 2.69 -14.53 -8.60
C VAL A 123 3.05 -16.00 -8.66
N ASP A 124 3.24 -16.50 -9.88
CA ASP A 124 3.66 -17.89 -10.06
C ASP A 124 4.76 -18.07 -11.12
N ASP A 125 5.34 -16.97 -11.61
CA ASP A 125 6.53 -17.07 -12.45
C ASP A 125 7.32 -15.81 -12.31
N VAL A 126 8.58 -15.85 -12.74
CA VAL A 126 9.45 -14.72 -12.55
C VAL A 126 8.91 -13.45 -13.19
N ALA A 127 8.30 -13.59 -14.35
CA ALA A 127 7.84 -12.39 -15.07
C ALA A 127 6.78 -11.68 -14.24
N ALA A 128 5.94 -12.44 -13.56
CA ALA A 128 4.89 -11.87 -12.70
C ALA A 128 5.48 -11.13 -11.50
N ALA A 129 6.51 -11.71 -10.92
CA ALA A 129 7.25 -11.00 -9.87
C ALA A 129 7.89 -9.73 -10.43
N ALA A 130 8.52 -9.84 -11.59
CA ALA A 130 9.24 -8.72 -12.20
C ALA A 130 8.25 -7.59 -12.47
N LYS A 131 7.02 -7.95 -12.82
CA LYS A 131 5.98 -6.94 -13.11
C LYS A 131 5.78 -6.01 -11.91
N MET A 132 5.96 -6.54 -10.71
CA MET A 132 5.78 -5.76 -9.47
C MET A 132 6.75 -4.57 -9.38
N LYS A 133 7.87 -4.67 -10.08
CA LYS A 133 8.87 -3.59 -10.09
C LYS A 133 9.06 -3.07 -11.51
N GLN A 134 8.06 -3.26 -12.36
CA GLN A 134 8.11 -2.78 -13.74
C GLN A 134 9.38 -3.22 -14.49
N TYR A 135 9.89 -4.40 -14.14
CA TYR A 135 10.99 -5.03 -14.87
C TYR A 135 10.46 -5.90 -16.02
N GLU A 136 10.82 -5.61 -17.26
CA GLU A 136 10.19 -6.34 -18.37
C GLU A 136 11.14 -7.04 -19.33
N ALA A 137 12.42 -7.12 -18.98
CA ALA A 137 13.39 -7.86 -19.81
C ALA A 137 13.36 -9.38 -19.63
N VAL A 138 12.15 -9.94 -19.44
CA VAL A 138 11.96 -11.39 -19.23
C VAL A 138 10.52 -11.77 -19.59
N ARG A 139 10.34 -12.92 -20.24
CA ARG A 139 9.01 -13.34 -20.69
C ARG A 139 8.33 -14.25 -19.66
N PRO A 140 6.98 -14.27 -19.65
CA PRO A 140 6.25 -15.26 -18.86
C PRO A 140 6.55 -16.69 -19.31
N ASP A 141 6.58 -17.62 -18.37
CA ASP A 141 6.84 -19.01 -18.70
C ASP A 141 5.83 -19.52 -19.71
N GLU A 142 4.56 -19.17 -19.53
CA GLU A 142 3.53 -19.70 -20.42
C GLU A 142 3.76 -19.25 -21.85
N ALA A 143 4.42 -18.12 -22.04
CA ALA A 143 4.71 -17.61 -23.38
C ALA A 143 5.77 -18.45 -24.07
N VAL A 144 6.67 -19.03 -23.27
CA VAL A 144 7.81 -19.75 -23.80
C VAL A 144 7.47 -21.23 -23.99
N TYR A 145 6.74 -21.80 -23.03
CA TYR A 145 6.47 -23.23 -23.02
C TYR A 145 5.14 -23.56 -23.69
N GLY A 146 4.18 -22.64 -23.61
CA GLY A 146 2.86 -22.89 -24.15
C GLY A 146 1.93 -23.40 -23.08
N LYS A 147 0.66 -23.56 -23.39
CA LYS A 147 -0.30 -24.00 -22.40
C LYS A 147 -0.96 -25.32 -22.77
N GLY A 148 -1.40 -26.03 -21.74
CA GLY A 148 -2.11 -27.29 -21.93
C GLY A 148 -1.38 -28.25 -22.83
N ALA A 149 -2.13 -28.81 -23.78
CA ALA A 149 -1.61 -29.80 -24.70
C ALA A 149 -0.51 -29.24 -25.60
N LYS A 150 -0.29 -27.93 -25.56
CA LYS A 150 0.73 -27.31 -26.42
C LYS A 150 2.07 -27.19 -25.71
N ARG A 151 2.10 -27.50 -24.41
CA ARG A 151 3.30 -27.25 -23.62
C ARG A 151 4.48 -28.09 -24.09
N ALA A 152 5.60 -27.41 -24.35
CA ALA A 152 6.83 -28.10 -24.78
C ALA A 152 8.05 -27.24 -24.49
N VAL A 153 9.17 -27.90 -24.23
CA VAL A 153 10.45 -27.23 -24.10
C VAL A 153 10.90 -26.82 -25.49
N PRO A 154 11.16 -25.53 -25.70
CA PRO A 154 11.58 -25.02 -27.01
C PRO A 154 13.01 -25.42 -27.34
N ASP A 155 13.50 -25.00 -28.50
CA ASP A 155 14.84 -25.35 -28.95
C ASP A 155 15.85 -24.66 -28.05
N GLU A 156 17.06 -25.21 -27.96
CA GLU A 156 18.04 -24.77 -26.98
C GLU A 156 18.30 -23.25 -26.95
N PRO A 157 18.51 -22.61 -28.12
CA PRO A 157 18.79 -21.17 -28.05
C PRO A 157 17.65 -20.38 -27.43
N VAL A 158 16.43 -20.80 -27.69
CA VAL A 158 15.25 -20.15 -27.13
C VAL A 158 15.13 -20.43 -25.63
N LEU A 159 15.35 -21.69 -25.26
CA LEU A 159 15.30 -22.07 -23.85
C LEU A 159 16.39 -21.33 -23.07
N ALA A 160 17.61 -21.35 -23.62
CA ALA A 160 18.77 -20.81 -22.94
C ALA A 160 18.53 -19.34 -22.64
N GLU A 161 18.06 -18.60 -23.64
CA GLU A 161 17.81 -17.18 -23.42
C GLU A 161 16.76 -16.96 -22.33
N HIS A 162 15.76 -17.83 -22.27
CA HIS A 162 14.69 -17.66 -21.30
C HIS A 162 15.20 -17.88 -19.87
N LEU A 163 15.94 -18.97 -19.66
CA LEU A 163 16.49 -19.24 -18.34
C LEU A 163 17.48 -18.16 -17.90
N VAL A 164 18.35 -17.71 -18.80
CA VAL A 164 19.28 -16.65 -18.45
C VAL A 164 18.55 -15.35 -18.12
N ARG A 165 17.50 -15.04 -18.88
CA ARG A 165 16.72 -13.84 -18.60
C ARG A 165 16.02 -13.95 -17.25
N LYS A 166 15.60 -15.15 -16.87
CA LYS A 166 15.01 -15.33 -15.55
C LYS A 166 16.05 -15.15 -14.44
N ALA A 167 17.24 -15.70 -14.67
CA ALA A 167 18.33 -15.49 -13.72
C ALA A 167 18.74 -14.02 -13.61
N ALA A 168 18.82 -13.31 -14.74
CA ALA A 168 19.18 -11.91 -14.71
C ALA A 168 18.11 -11.10 -13.96
N ALA A 169 16.85 -11.52 -14.09
CA ALA A 169 15.77 -10.79 -13.44
C ALA A 169 15.86 -10.96 -11.91
N ILE A 170 16.05 -12.20 -11.47
CA ILE A 170 16.23 -12.49 -10.04
C ILE A 170 17.42 -11.68 -9.49
N TRP A 171 18.50 -11.65 -10.26
CA TRP A 171 19.71 -10.88 -9.91
C TRP A 171 19.41 -9.40 -9.69
N GLU A 172 18.63 -8.80 -10.58
CA GLU A 172 18.35 -7.36 -10.50
C GLU A 172 17.24 -7.02 -9.49
N LEU A 173 16.35 -7.98 -9.25
CA LEU A 173 15.14 -7.75 -8.46
C LEU A 173 15.33 -8.02 -6.95
N GLU A 174 16.37 -8.76 -6.60
CA GLU A 174 16.61 -9.09 -5.19
C GLU A 174 16.59 -7.85 -4.29
N ARG A 175 17.42 -6.85 -4.61
CA ARG A 175 17.54 -5.69 -3.75
C ARG A 175 16.25 -4.87 -3.66
N PRO A 176 15.61 -4.57 -4.81
CA PRO A 176 14.30 -3.90 -4.78
C PRO A 176 13.24 -4.61 -3.91
N PHE A 177 13.16 -5.93 -3.98
CA PHE A 177 12.20 -6.67 -3.20
C PHE A 177 12.60 -6.67 -1.73
N LEU A 178 13.87 -6.94 -1.42
CA LEU A 178 14.31 -6.84 -0.03
C LEU A 178 14.05 -5.46 0.57
N ASP A 179 14.26 -4.40 -0.21
CA ASP A 179 14.06 -3.06 0.32
C ASP A 179 12.59 -2.79 0.67
N GLU A 180 11.66 -3.24 -0.17
CA GLU A 180 10.23 -3.08 0.13
C GLU A 180 9.81 -3.96 1.29
N LEU A 181 10.31 -5.17 1.34
CA LEU A 181 9.99 -6.02 2.50
C LEU A 181 10.46 -5.35 3.79
N ARG A 182 11.64 -4.77 3.77
CA ARG A 182 12.22 -4.16 4.96
C ARG A 182 11.34 -2.99 5.30
N ARG A 183 10.98 -2.21 4.27
CA ARG A 183 10.01 -1.13 4.44
C ARG A 183 8.75 -1.58 5.17
N ASN A 184 8.18 -2.73 4.79
CA ASN A 184 6.95 -3.32 5.38
C ASN A 184 7.14 -4.08 6.72
N GLU A 185 8.36 -4.11 7.26
CA GLU A 185 8.64 -4.93 8.45
C GLU A 185 8.39 -6.40 8.12
N GLN A 186 8.74 -6.79 6.89
CA GLN A 186 8.59 -8.19 6.49
C GLN A 186 9.89 -8.88 6.08
N ASP A 187 11.05 -8.24 6.22
CA ASP A 187 12.28 -8.92 5.80
C ASP A 187 12.62 -10.14 6.66
N ARG A 188 12.38 -10.06 7.96
CA ARG A 188 12.61 -11.22 8.83
C ARG A 188 11.59 -12.32 8.54
N LEU A 189 10.37 -11.91 8.22
CA LEU A 189 9.33 -12.90 7.87
C LEU A 189 9.86 -13.75 6.70
N LEU A 190 10.50 -13.09 5.73
CA LEU A 190 11.07 -13.84 4.60
C LEU A 190 12.29 -14.66 5.02
N VAL A 191 13.28 -13.98 5.59
CA VAL A 191 14.58 -14.64 5.82
C VAL A 191 14.65 -15.58 7.01
N GLU A 192 13.84 -15.32 8.03
CA GLU A 192 13.89 -16.13 9.22
C GLU A 192 12.72 -17.11 9.33
N LEU A 193 11.67 -16.90 8.55
CA LEU A 193 10.52 -17.83 8.60
C LEU A 193 10.27 -18.54 7.29
N GLU A 194 9.87 -17.81 6.25
CA GLU A 194 9.45 -18.54 5.04
C GLU A 194 10.62 -19.28 4.35
N GLN A 195 11.80 -18.67 4.27
CA GLN A 195 12.87 -19.32 3.52
C GLN A 195 13.33 -20.58 4.26
N PRO A 196 13.54 -20.49 5.58
CA PRO A 196 13.90 -21.75 6.27
C PRO A 196 12.79 -22.78 6.20
N LEU A 197 11.53 -22.35 6.24
CA LEU A 197 10.42 -23.31 6.15
C LEU A 197 10.43 -24.05 4.83
N SER A 198 10.82 -23.33 3.77
CA SER A 198 10.85 -23.89 2.43
C SER A 198 11.72 -25.15 2.39
N SER A 199 12.88 -25.06 3.04
CA SER A 199 13.81 -26.20 3.14
C SER A 199 13.22 -27.37 3.91
N ILE A 200 12.51 -27.06 4.98
CA ILE A 200 11.85 -28.10 5.76
C ILE A 200 10.73 -28.79 4.97
N LEU A 201 9.90 -28.02 4.28
CA LEU A 201 8.89 -28.59 3.39
C LEU A 201 9.52 -29.44 2.28
N ALA A 202 10.61 -28.97 1.70
CA ALA A 202 11.31 -29.75 0.68
C ALA A 202 11.64 -31.14 1.22
N GLU A 203 12.11 -31.19 2.46
CA GLU A 203 12.47 -32.46 3.10
C GLU A 203 11.23 -33.35 3.27
N MET A 204 10.16 -32.77 3.80
CA MET A 204 8.91 -33.47 3.99
C MET A 204 8.37 -34.06 2.68
N GLU A 205 8.29 -33.25 1.62
CA GLU A 205 7.75 -33.69 0.32
C GLU A 205 8.60 -34.84 -0.22
N PHE A 206 9.91 -34.70 -0.16
CA PHE A 206 10.82 -35.71 -0.71
C PHE A 206 10.79 -37.02 0.10
N ALA A 207 10.65 -36.91 1.42
CA ALA A 207 10.53 -38.11 2.25
C ALA A 207 9.26 -38.87 1.88
N GLY A 208 8.17 -38.14 1.70
CA GLY A 208 6.87 -38.76 1.44
C GLY A 208 6.29 -39.48 2.63
N VAL A 209 5.08 -40.02 2.44
CA VAL A 209 4.41 -40.82 3.45
C VAL A 209 4.10 -42.18 2.85
N LYS A 210 4.36 -43.24 3.62
CA LYS A 210 4.15 -44.61 3.15
C LYS A 210 2.69 -45.03 3.29
N VAL A 211 2.20 -45.79 2.31
CA VAL A 211 0.79 -46.09 2.23
C VAL A 211 0.62 -47.61 2.11
N ASP A 212 -0.35 -48.12 2.83
CA ASP A 212 -0.67 -49.57 2.83
C ASP A 212 -1.68 -49.75 1.69
N THR A 213 -1.17 -49.98 0.49
CA THR A 213 -2.03 -50.05 -0.69
C THR A 213 -2.98 -51.26 -0.67
N LYS A 214 -2.51 -52.38 -0.14
CA LYS A 214 -3.36 -53.56 -0.02
C LYS A 214 -4.63 -53.18 0.75
N ARG A 215 -4.45 -52.46 1.85
CA ARG A 215 -5.59 -52.06 2.67
C ARG A 215 -6.54 -51.16 1.91
N LEU A 216 -6.02 -50.17 1.19
CA LEU A 216 -6.89 -49.31 0.39
C LEU A 216 -7.63 -50.08 -0.71
N GLU A 217 -6.93 -51.00 -1.39
CA GLU A 217 -7.56 -51.74 -2.48
C GLU A 217 -8.69 -52.60 -1.94
N GLN A 218 -8.48 -53.16 -0.76
CA GLN A 218 -9.55 -53.94 -0.12
C GLN A 218 -10.72 -53.02 0.21
N MET A 219 -10.44 -51.89 0.83
CA MET A 219 -11.49 -50.92 1.14
CA MET A 219 -11.49 -50.92 1.13
C MET A 219 -12.27 -50.56 -0.12
N GLY A 220 -11.56 -50.35 -1.23
CA GLY A 220 -12.18 -49.99 -2.50
C GLY A 220 -13.12 -51.09 -2.98
N LYS A 221 -12.65 -52.32 -2.87
CA LYS A 221 -13.47 -53.45 -3.30
C LYS A 221 -14.79 -53.48 -2.52
N GLU A 222 -14.69 -53.38 -1.19
CA GLU A 222 -15.87 -53.36 -0.31
C GLU A 222 -16.77 -52.17 -0.57
N LEU A 223 -16.14 -51.03 -0.79
CA LEU A 223 -16.87 -49.81 -1.03
C LEU A 223 -17.65 -49.89 -2.33
N ALA A 224 -17.07 -50.50 -3.35
CA ALA A 224 -17.77 -50.69 -4.62
C ALA A 224 -19.08 -51.47 -4.40
N GLU A 225 -19.02 -52.50 -3.57
CA GLU A 225 -20.21 -53.32 -3.27
C GLU A 225 -21.30 -52.46 -2.62
N GLN A 226 -20.88 -51.68 -1.63
CA GLN A 226 -21.83 -50.87 -0.87
C GLN A 226 -22.42 -49.73 -1.73
N LEU A 227 -21.61 -49.12 -2.59
CA LEU A 227 -22.13 -48.09 -3.48
C LEU A 227 -23.23 -48.65 -4.37
N GLY A 228 -23.03 -49.86 -4.88
CA GLY A 228 -24.03 -50.52 -5.69
C GLY A 228 -25.31 -50.76 -4.90
N THR A 229 -25.18 -51.09 -3.63
CA THR A 229 -26.34 -51.35 -2.77
C THR A 229 -27.14 -50.09 -2.51
N VAL A 230 -26.43 -49.03 -2.16
CA VAL A 230 -27.06 -47.77 -1.82
C VAL A 230 -27.69 -47.19 -3.06
N GLU A 231 -26.97 -47.29 -4.18
CA GLU A 231 -27.44 -46.78 -5.45
C GLU A 231 -28.79 -47.39 -5.79
N GLN A 232 -28.85 -48.71 -5.77
CA GLN A 232 -30.07 -49.40 -6.17
C GLN A 232 -31.25 -49.03 -5.26
N ARG A 233 -30.96 -48.84 -3.97
CA ARG A 233 -32.00 -48.50 -2.99
C ARG A 233 -32.54 -47.10 -3.25
N ILE A 234 -31.65 -46.22 -3.67
CA ILE A 234 -32.04 -44.87 -4.05
C ILE A 234 -32.94 -44.86 -5.29
N TYR A 235 -32.63 -45.69 -6.28
CA TYR A 235 -33.49 -45.80 -7.46
C TYR A 235 -34.86 -46.35 -7.07
N GLU A 236 -34.89 -47.24 -6.08
CA GLU A 236 -36.15 -47.80 -5.61
C GLU A 236 -36.99 -46.70 -4.99
N LEU A 237 -36.37 -45.94 -4.09
CA LEU A 237 -37.06 -44.87 -3.39
C LEU A 237 -37.54 -43.80 -4.38
N ALA A 238 -36.74 -43.55 -5.41
CA ALA A 238 -37.05 -42.54 -6.41
C ALA A 238 -38.04 -43.04 -7.45
N GLY A 239 -38.15 -44.37 -7.55
CA GLY A 239 -38.99 -45.00 -8.55
C GLY A 239 -38.43 -44.78 -9.93
N GLN A 240 -37.12 -44.57 -10.03
CA GLN A 240 -36.52 -44.22 -11.31
C GLN A 240 -35.00 -44.28 -11.20
N GLU A 241 -34.34 -44.60 -12.30
CA GLU A 241 -32.89 -44.55 -12.35
C GLU A 241 -32.46 -43.17 -12.86
N PHE A 242 -31.37 -42.67 -12.29
CA PHE A 242 -30.82 -41.40 -12.71
C PHE A 242 -29.40 -41.31 -12.18
N ASN A 243 -28.65 -40.34 -12.67
CA ASN A 243 -27.29 -40.14 -12.17
C ASN A 243 -27.33 -39.37 -10.85
N ILE A 244 -27.02 -40.06 -9.77
CA ILE A 244 -27.13 -39.47 -8.44
C ILE A 244 -26.00 -38.46 -8.25
N ASN A 245 -24.94 -38.59 -9.04
CA ASN A 245 -23.82 -37.65 -8.94
C ASN A 245 -23.96 -36.45 -9.84
N SER A 246 -25.17 -36.26 -10.37
CA SER A 246 -25.47 -35.10 -11.19
C SER A 246 -26.48 -34.20 -10.46
N PRO A 247 -26.01 -33.11 -9.83
CA PRO A 247 -26.95 -32.25 -9.12
C PRO A 247 -28.12 -31.78 -10.02
N LYS A 248 -27.86 -31.63 -11.31
CA LYS A 248 -28.92 -31.27 -12.26
C LYS A 248 -30.02 -32.35 -12.33
N GLN A 249 -29.63 -33.61 -12.56
CA GLN A 249 -30.59 -34.72 -12.60
C GLN A 249 -31.28 -34.97 -11.26
N LEU A 250 -30.49 -34.89 -10.20
CA LEU A 250 -30.98 -35.05 -8.83
C LEU A 250 -32.04 -34.00 -8.55
N GLY A 251 -31.80 -32.79 -9.04
CA GLY A 251 -32.72 -31.69 -8.78
C GLY A 251 -34.07 -31.91 -9.44
N VAL A 252 -34.06 -32.52 -10.62
CA VAL A 252 -35.33 -32.85 -11.27
C VAL A 252 -36.11 -33.91 -10.47
N ILE A 253 -35.41 -34.94 -10.02
CA ILE A 253 -36.03 -35.99 -9.20
C ILE A 253 -36.65 -35.38 -7.94
N LEU A 254 -35.86 -34.58 -7.22
CA LEU A 254 -36.32 -34.07 -5.94
C LEU A 254 -37.45 -33.05 -6.09
N PHE A 255 -37.29 -32.09 -7.00
CA PHE A 255 -38.13 -30.90 -6.97
C PHE A 255 -39.22 -30.93 -8.03
N GLU A 256 -39.05 -31.82 -9.00
CA GLU A 256 -40.08 -31.96 -10.02
C GLU A 256 -40.84 -33.27 -9.83
N LYS A 257 -40.13 -34.40 -9.84
CA LYS A 257 -40.80 -35.69 -9.64
C LYS A 257 -41.43 -35.83 -8.24
N LEU A 258 -40.61 -35.66 -7.20
CA LEU A 258 -41.10 -35.82 -5.82
C LEU A 258 -41.72 -34.53 -5.29
N GLN A 259 -41.63 -33.46 -6.09
CA GLN A 259 -42.22 -32.17 -5.74
C GLN A 259 -41.90 -31.77 -4.31
N LEU A 260 -40.64 -31.93 -3.90
CA LEU A 260 -40.24 -31.44 -2.60
C LEU A 260 -40.08 -29.92 -2.70
N PRO A 261 -40.19 -29.20 -1.57
CA PRO A 261 -40.01 -27.74 -1.58
C PRO A 261 -38.64 -27.29 -2.05
N VAL A 262 -38.60 -26.18 -2.78
CA VAL A 262 -37.33 -25.59 -3.18
C VAL A 262 -36.89 -24.57 -2.14
N LEU A 263 -35.86 -24.91 -1.40
CA LEU A 263 -35.38 -24.09 -0.30
C LEU A 263 -34.34 -23.08 -0.77
N LYS A 264 -33.68 -23.37 -1.88
CA LYS A 264 -32.59 -22.51 -2.36
C LYS A 264 -32.28 -22.79 -3.82
N LYS A 265 -31.97 -21.73 -4.56
CA LYS A 265 -31.49 -21.87 -5.93
C LYS A 265 -30.08 -21.32 -6.05
N THR A 266 -29.32 -21.83 -6.99
CA THR A 266 -28.02 -21.29 -7.35
C THR A 266 -28.16 -20.54 -8.67
N LYS A 267 -27.07 -20.00 -9.19
CA LYS A 267 -27.12 -19.29 -10.46
C LYS A 267 -27.53 -20.21 -11.60
N THR A 268 -27.32 -21.52 -11.43
CA THR A 268 -27.61 -22.48 -12.50
C THR A 268 -28.95 -23.22 -12.32
N GLY A 269 -29.44 -23.35 -11.09
CA GLY A 269 -30.70 -24.05 -10.87
C GLY A 269 -31.00 -24.39 -9.42
N TYR A 270 -31.77 -25.46 -9.19
CA TYR A 270 -32.04 -25.91 -7.82
C TYR A 270 -30.78 -26.35 -7.08
N SER A 271 -30.67 -25.96 -5.82
CA SER A 271 -29.63 -26.45 -4.95
C SER A 271 -29.94 -27.85 -4.43
N THR A 272 -28.90 -28.70 -4.38
CA THR A 272 -29.00 -29.99 -3.70
C THR A 272 -27.89 -30.14 -2.67
N SER A 273 -27.48 -29.02 -2.08
CA SER A 273 -26.37 -29.01 -1.15
C SER A 273 -26.70 -29.90 0.03
N ALA A 274 -25.69 -30.33 0.77
CA ALA A 274 -25.92 -31.14 1.97
C ALA A 274 -26.88 -30.44 2.94
N ASP A 275 -26.75 -29.12 3.07
CA ASP A 275 -27.59 -28.39 4.01
C ASP A 275 -29.05 -28.43 3.57
N VAL A 276 -29.28 -28.31 2.26
CA VAL A 276 -30.64 -28.35 1.75
C VAL A 276 -31.24 -29.73 1.93
N LEU A 277 -30.47 -30.77 1.61
CA LEU A 277 -30.99 -32.12 1.73
C LEU A 277 -31.29 -32.45 3.18
N GLU A 278 -30.45 -32.00 4.11
CA GLU A 278 -30.72 -32.24 5.53
C GLU A 278 -32.07 -31.66 5.90
N LYS A 279 -32.36 -30.48 5.37
CA LYS A 279 -33.58 -29.79 5.72
C LYS A 279 -34.81 -30.41 5.07
N LEU A 280 -34.62 -31.23 4.06
CA LEU A 280 -35.71 -31.93 3.40
C LEU A 280 -36.00 -33.29 4.05
N ALA A 281 -35.20 -33.69 5.04
CA ALA A 281 -35.41 -35.00 5.68
C ALA A 281 -36.85 -35.20 6.21
N PRO A 282 -37.50 -34.14 6.68
CA PRO A 282 -38.90 -34.38 7.12
C PRO A 282 -39.89 -34.66 5.99
N TYR A 283 -39.46 -34.54 4.73
CA TYR A 283 -40.37 -34.72 3.61
C TYR A 283 -40.21 -36.08 2.93
N HIS A 284 -38.98 -36.60 2.89
CA HIS A 284 -38.74 -37.84 2.20
C HIS A 284 -37.47 -38.49 2.70
N GLU A 285 -37.50 -39.79 2.96
CA GLU A 285 -36.31 -40.45 3.50
C GLU A 285 -35.13 -40.58 2.52
N ILE A 286 -35.44 -40.61 1.23
CA ILE A 286 -34.42 -40.68 0.18
C ILE A 286 -33.26 -39.68 0.33
N VAL A 287 -33.50 -38.51 0.91
CA VAL A 287 -32.42 -37.52 1.00
C VAL A 287 -31.31 -37.98 1.92
N GLU A 288 -31.63 -38.77 2.95
CA GLU A 288 -30.60 -39.29 3.82
C GLU A 288 -29.78 -40.34 3.09
N ASN A 289 -30.45 -41.16 2.29
CA ASN A 289 -29.77 -42.14 1.47
C ASN A 289 -28.82 -41.45 0.48
N ILE A 290 -29.30 -40.37 -0.14
CA ILE A 290 -28.49 -39.66 -1.12
C ILE A 290 -27.25 -39.02 -0.47
N LEU A 291 -27.43 -38.43 0.72
CA LEU A 291 -26.27 -37.83 1.40
C LEU A 291 -25.21 -38.90 1.65
N HIS A 292 -25.66 -40.06 2.08
CA HIS A 292 -24.77 -41.18 2.33
C HIS A 292 -24.06 -41.64 1.05
N TYR A 293 -24.82 -41.79 -0.02
CA TYR A 293 -24.24 -42.18 -1.30
C TYR A 293 -23.13 -41.21 -1.73
N ARG A 294 -23.37 -39.91 -1.60
CA ARG A 294 -22.35 -38.95 -2.05
C ARG A 294 -21.11 -38.97 -1.18
N GLN A 295 -21.28 -39.26 0.10
CA GLN A 295 -20.13 -39.40 1.00
C GLN A 295 -19.31 -40.61 0.57
N LEU A 296 -19.99 -41.72 0.32
CA LEU A 296 -19.32 -42.96 -0.13
C LEU A 296 -18.64 -42.81 -1.48
N GLY A 297 -19.29 -42.09 -2.39
CA GLY A 297 -18.74 -41.91 -3.72
C GLY A 297 -17.46 -41.09 -3.68
N LYS A 298 -17.39 -40.11 -2.77
CA LYS A 298 -16.17 -39.30 -2.65
C LYS A 298 -15.05 -40.09 -2.01
N LEU A 299 -15.38 -40.92 -1.02
CA LEU A 299 -14.36 -41.80 -0.45
C LEU A 299 -13.74 -42.64 -1.57
N GLN A 300 -14.59 -43.27 -2.38
CA GLN A 300 -14.12 -44.14 -3.46
C GLN A 300 -13.31 -43.35 -4.50
N SER A 301 -13.87 -42.26 -5.01
CA SER A 301 -13.24 -41.59 -6.15
C SER A 301 -11.91 -40.96 -5.76
N THR A 302 -11.86 -40.40 -4.56
CA THR A 302 -10.77 -39.52 -4.17
C THR A 302 -9.74 -40.16 -3.25
N TYR A 303 -10.23 -40.73 -2.17
CA TYR A 303 -9.31 -41.29 -1.18
C TYR A 303 -8.95 -42.76 -1.38
N ILE A 304 -9.59 -43.42 -2.34
CA ILE A 304 -9.14 -44.74 -2.74
C ILE A 304 -8.53 -44.66 -4.13
N GLU A 305 -9.38 -44.48 -5.12
CA GLU A 305 -8.92 -44.45 -6.50
C GLU A 305 -7.91 -43.33 -6.74
N GLY A 306 -8.23 -42.12 -6.31
CA GLY A 306 -7.38 -40.96 -6.57
C GLY A 306 -6.03 -41.11 -5.92
N LEU A 307 -6.04 -41.65 -4.70
CA LEU A 307 -4.83 -41.80 -3.93
C LEU A 307 -3.98 -42.89 -4.54
N LEU A 308 -4.60 -44.02 -4.87
CA LEU A 308 -3.82 -45.13 -5.43
C LEU A 308 -3.16 -44.72 -6.73
N LYS A 309 -3.75 -43.78 -7.47
CA LYS A 309 -3.20 -43.32 -8.76
C LYS A 309 -1.85 -42.66 -8.57
N VAL A 310 -1.66 -42.01 -7.43
CA VAL A 310 -0.46 -41.23 -7.23
C VAL A 310 0.60 -41.88 -6.34
N VAL A 311 0.28 -43.01 -5.71
CA VAL A 311 1.31 -43.71 -4.93
C VAL A 311 2.40 -44.24 -5.87
N ARG A 312 3.68 -44.05 -5.51
CA ARG A 312 4.76 -44.58 -6.32
C ARG A 312 4.82 -46.09 -6.08
N PRO A 313 4.66 -46.90 -7.14
CA PRO A 313 4.44 -48.34 -6.96
C PRO A 313 5.57 -49.11 -6.28
N ALA A 314 6.83 -48.75 -6.48
CA ALA A 314 7.93 -49.53 -5.90
C ALA A 314 8.18 -49.17 -4.43
N THR A 315 7.96 -47.92 -4.06
CA THR A 315 8.23 -47.51 -2.69
C THR A 315 6.95 -47.42 -1.85
N LYS A 316 5.81 -47.42 -2.53
CA LYS A 316 4.51 -47.24 -1.88
C LYS A 316 4.39 -45.93 -1.11
N LYS A 317 5.14 -44.94 -1.55
CA LYS A 317 5.03 -43.59 -0.95
C LYS A 317 4.25 -42.65 -1.82
N VAL A 318 3.60 -41.68 -1.17
CA VAL A 318 2.96 -40.56 -1.86
C VAL A 318 3.76 -39.34 -1.49
N HIS A 319 3.97 -38.48 -2.48
CA HIS A 319 4.76 -37.29 -2.26
C HIS A 319 3.92 -36.10 -2.64
N THR A 320 3.32 -35.46 -1.64
CA THR A 320 2.54 -34.26 -1.90
C THR A 320 3.46 -33.08 -2.21
N ILE A 321 2.87 -32.01 -2.67
CA ILE A 321 3.58 -30.74 -2.84
C ILE A 321 2.82 -29.74 -1.99
N PHE A 322 3.52 -29.10 -1.07
CA PHE A 322 2.96 -28.03 -0.25
C PHE A 322 3.18 -26.73 -0.97
N ASN A 323 2.08 -26.13 -1.44
CA ASN A 323 2.19 -24.81 -2.04
C ASN A 323 2.31 -23.76 -0.95
N GLN A 324 3.48 -23.15 -0.88
CA GLN A 324 3.83 -22.20 0.17
C GLN A 324 3.49 -20.78 -0.25
N ALA A 325 3.03 -20.58 -1.49
CA ALA A 325 2.86 -19.22 -2.00
C ALA A 325 1.52 -19.05 -2.73
N LEU A 326 0.47 -19.57 -2.11
CA LEU A 326 -0.87 -19.60 -2.71
C LEU A 326 -1.94 -18.94 -1.84
N THR A 327 -2.06 -19.31 -0.58
CA THR A 327 -3.26 -18.90 0.17
C THR A 327 -3.18 -17.43 0.55
N GLN A 328 -4.34 -16.81 0.66
CA GLN A 328 -4.37 -15.37 0.95
C GLN A 328 -4.08 -15.03 2.40
N THR A 329 -4.03 -16.02 3.29
CA THR A 329 -3.87 -15.75 4.72
C THR A 329 -2.52 -16.22 5.25
N GLY A 330 -1.70 -16.89 4.43
CA GLY A 330 -0.43 -17.42 4.93
C GLY A 330 -0.39 -18.91 5.25
N ARG A 331 -1.53 -19.59 5.14
CA ARG A 331 -1.54 -21.04 5.23
C ARG A 331 -0.81 -21.69 4.05
N LEU A 332 -0.41 -22.93 4.24
CA LEU A 332 0.00 -23.78 3.14
C LEU A 332 -1.24 -24.37 2.47
N SER A 333 -1.06 -24.89 1.26
CA SER A 333 -2.00 -25.84 0.70
C SER A 333 -1.20 -27.06 0.24
N SER A 334 -1.92 -28.12 -0.10
CA SER A 334 -1.31 -29.41 -0.39
C SER A 334 -1.98 -29.98 -1.63
N THR A 335 -1.21 -30.45 -2.60
CA THR A 335 -1.75 -30.96 -3.87
C THR A 335 -1.07 -32.25 -4.34
N GLU A 336 -1.85 -33.02 -5.11
CA GLU A 336 -1.39 -34.17 -5.89
C GLU A 336 -0.56 -35.17 -5.09
N PRO A 337 -1.14 -35.76 -4.03
CA PRO A 337 -2.52 -35.57 -3.57
C PRO A 337 -2.57 -34.55 -2.43
N ASN A 338 -3.77 -34.03 -2.17
CA ASN A 338 -3.99 -33.19 -1.00
C ASN A 338 -4.03 -34.11 0.21
N LEU A 339 -3.07 -33.94 1.11
CA LEU A 339 -3.01 -34.74 2.33
C LEU A 339 -3.44 -33.92 3.56
N GLN A 340 -4.04 -32.75 3.30
CA GLN A 340 -4.57 -31.93 4.36
C GLN A 340 -6.10 -32.05 4.49
N ASN A 341 -6.72 -32.91 3.68
CA ASN A 341 -8.17 -33.13 3.82
C ASN A 341 -8.55 -34.61 3.86
N ILE A 342 -7.71 -35.40 4.51
CA ILE A 342 -8.00 -36.83 4.67
C ILE A 342 -9.12 -36.97 5.71
N PRO A 343 -10.12 -37.82 5.41
CA PRO A 343 -11.30 -37.87 6.27
C PRO A 343 -10.99 -38.17 7.74
N ILE A 344 -11.77 -37.58 8.64
CA ILE A 344 -11.72 -37.94 10.05
C ILE A 344 -13.08 -37.93 10.78
N ARG A 345 -14.04 -37.13 10.31
CA ARG A 345 -15.27 -36.90 11.09
C ARG A 345 -16.20 -38.07 11.14
N LEU A 346 -16.28 -38.82 10.04
CA LEU A 346 -17.13 -40.00 9.97
C LEU A 346 -16.28 -41.28 10.08
N GLU A 347 -16.67 -42.23 10.92
CA GLU A 347 -15.81 -43.39 11.15
C GLU A 347 -15.46 -44.13 9.86
N GLU A 348 -16.45 -44.35 8.99
CA GLU A 348 -16.21 -45.03 7.70
C GLU A 348 -15.05 -44.37 6.92
N GLY A 349 -15.03 -43.05 6.86
CA GLY A 349 -14.00 -42.34 6.11
C GLY A 349 -12.68 -42.28 6.86
N ARG A 350 -12.79 -42.13 8.17
CA ARG A 350 -11.62 -41.99 9.02
C ARG A 350 -10.72 -43.23 8.88
N LYS A 351 -11.29 -44.36 8.47
CA LYS A 351 -10.50 -45.59 8.35
C LYS A 351 -9.46 -45.49 7.23
N ILE A 352 -9.64 -44.53 6.32
CA ILE A 352 -8.65 -44.28 5.29
C ILE A 352 -7.30 -44.08 5.95
N ARG A 353 -7.32 -43.49 7.15
CA ARG A 353 -6.07 -43.16 7.83
C ARG A 353 -5.32 -44.40 8.30
N GLN A 354 -5.97 -45.54 8.37
CA GLN A 354 -5.27 -46.78 8.71
C GLN A 354 -4.26 -47.12 7.62
N ALA A 355 -4.40 -46.48 6.46
CA ALA A 355 -3.54 -46.82 5.33
C ALA A 355 -2.30 -45.94 5.27
N PHE A 356 -2.20 -45.00 6.20
CA PHE A 356 -1.03 -44.13 6.27
C PHE A 356 -0.13 -44.64 7.38
N VAL A 357 1.00 -45.22 6.99
CA VAL A 357 1.81 -46.00 7.91
C VAL A 357 3.25 -45.53 7.91
N PRO A 358 4.00 -45.90 8.95
CA PRO A 358 5.40 -45.48 9.00
C PRO A 358 6.25 -46.10 7.88
N SER A 359 7.31 -45.40 7.53
CA SER A 359 8.11 -45.76 6.37
C SER A 359 9.16 -46.81 6.71
N GLU A 360 9.32 -47.09 7.99
CA GLU A 360 10.32 -48.07 8.44
C GLU A 360 9.71 -49.04 9.42
N SER A 361 10.32 -50.21 9.53
CA SER A 361 9.89 -51.18 10.50
C SER A 361 10.08 -50.65 11.93
N ASP A 362 9.12 -50.92 12.80
CA ASP A 362 9.21 -50.53 14.21
C ASP A 362 9.35 -49.03 14.40
N TRP A 363 8.82 -48.28 13.44
CA TRP A 363 8.61 -46.84 13.61
C TRP A 363 7.12 -46.62 13.93
N LEU A 364 6.79 -45.41 14.39
CA LEU A 364 5.41 -45.10 14.75
C LEU A 364 5.04 -43.73 14.20
N ILE A 365 3.74 -43.46 14.14
CA ILE A 365 3.26 -42.13 13.70
C ILE A 365 2.96 -41.32 14.94
N PHE A 366 3.40 -40.06 14.97
CA PHE A 366 3.18 -39.23 16.14
C PHE A 366 2.46 -37.99 15.64
N ALA A 367 1.31 -37.68 16.23
CA ALA A 367 0.50 -36.52 15.80
C ALA A 367 0.29 -35.51 16.94
N ALA A 368 0.57 -34.22 16.68
CA ALA A 368 0.39 -33.17 17.67
C ALA A 368 -0.44 -32.05 17.06
N ASP A 369 -1.50 -31.65 17.77
CA ASP A 369 -2.42 -30.62 17.27
C ASP A 369 -2.62 -29.51 18.31
N TYR A 370 -2.63 -28.26 17.85
CA TYR A 370 -3.00 -27.17 18.73
C TYR A 370 -4.50 -27.27 19.06
N SER A 371 -4.84 -27.05 20.32
CA SER A 371 -6.23 -26.98 20.74
C SER A 371 -6.79 -25.56 20.62
N GLN A 372 -7.68 -25.36 19.66
CA GLN A 372 -8.44 -24.11 19.55
C GLN A 372 -7.56 -22.91 19.31
N ILE A 373 -6.60 -23.06 18.41
CA ILE A 373 -5.61 -22.01 18.26
C ILE A 373 -6.23 -20.72 17.74
N GLU A 374 -7.23 -20.80 16.86
CA GLU A 374 -7.89 -19.56 16.38
C GLU A 374 -8.57 -18.76 17.48
N LEU A 375 -9.23 -19.46 18.42
CA LEU A 375 -9.97 -18.78 19.47
C LEU A 375 -9.00 -18.17 20.48
N ARG A 376 -7.88 -18.85 20.72
CA ARG A 376 -6.81 -18.31 21.58
C ARG A 376 -6.14 -17.09 20.96
N VAL A 377 -5.87 -17.16 19.66
CA VAL A 377 -5.39 -16.02 18.91
C VAL A 377 -6.40 -14.88 18.96
N LEU A 378 -7.69 -15.18 18.79
CA LEU A 378 -8.71 -14.14 18.92
C LEU A 378 -8.67 -13.52 20.31
N ALA A 379 -8.51 -14.34 21.33
CA ALA A 379 -8.42 -13.81 22.69
C ALA A 379 -7.27 -12.84 22.79
N HIS A 380 -6.12 -13.26 22.29
CA HIS A 380 -4.92 -12.42 22.31
C HIS A 380 -5.14 -11.09 21.58
N ILE A 381 -5.61 -11.16 20.35
CA ILE A 381 -5.70 -9.95 19.53
C ILE A 381 -6.81 -9.01 19.99
N ALA A 382 -7.93 -9.55 20.45
CA ALA A 382 -9.03 -8.71 20.90
C ALA A 382 -8.83 -8.20 22.33
N GLU A 383 -7.91 -8.82 23.06
CA GLU A 383 -7.62 -8.44 24.44
C GLU A 383 -8.90 -8.37 25.22
N ASP A 384 -9.75 -9.39 25.04
CA ASP A 384 -11.02 -9.51 25.75
C ASP A 384 -10.76 -10.21 27.07
N ASP A 385 -11.03 -9.53 28.19
CA ASP A 385 -10.69 -10.09 29.51
C ASP A 385 -11.36 -11.44 29.74
N ASN A 386 -12.64 -11.52 29.38
CA ASN A 386 -13.45 -12.72 29.66
C ASN A 386 -12.93 -13.93 28.89
N LEU A 387 -12.64 -13.73 27.61
CA LEU A 387 -12.11 -14.79 26.77
C LEU A 387 -10.70 -15.17 27.22
N MET A 388 -9.85 -14.17 27.49
CA MET A 388 -8.51 -14.43 27.99
C MET A 388 -8.54 -15.25 29.27
N GLU A 389 -9.42 -14.89 30.19
CA GLU A 389 -9.47 -15.58 31.46
C GLU A 389 -9.90 -17.03 31.28
N ALA A 390 -10.83 -17.25 30.37
CA ALA A 390 -11.31 -18.61 30.12
C ALA A 390 -10.13 -19.46 29.70
N PHE A 391 -9.31 -18.96 28.78
CA PHE A 391 -8.13 -19.72 28.38
C PHE A 391 -7.04 -19.75 29.47
N ARG A 392 -6.82 -18.62 30.14
CA ARG A 392 -5.81 -18.58 31.18
C ARG A 392 -6.10 -19.65 32.24
N ARG A 393 -7.38 -19.96 32.46
CA ARG A 393 -7.78 -20.97 33.44
C ARG A 393 -8.09 -22.34 32.81
N ASP A 394 -7.91 -22.42 31.49
CA ASP A 394 -8.24 -23.60 30.67
C ASP A 394 -9.65 -24.16 30.89
N LEU A 395 -10.63 -23.27 30.90
CA LEU A 395 -12.03 -23.64 30.99
C LEU A 395 -12.50 -23.94 29.58
N ASP A 396 -13.39 -24.90 29.45
CA ASP A 396 -13.94 -25.30 28.14
C ASP A 396 -14.71 -24.13 27.54
N ILE A 397 -14.18 -23.58 26.45
CA ILE A 397 -14.74 -22.37 25.86
C ILE A 397 -16.11 -22.59 25.21
N HIS A 398 -16.36 -23.78 24.68
CA HIS A 398 -17.69 -24.05 24.15
C HIS A 398 -18.74 -24.13 25.24
N THR A 399 -18.42 -24.78 26.36
CA THR A 399 -19.31 -24.80 27.48
C THR A 399 -19.52 -23.39 28.04
N LYS A 400 -18.44 -22.59 28.09
CA LYS A 400 -18.56 -21.22 28.55
C LYS A 400 -19.53 -20.42 27.69
N THR A 401 -19.33 -20.47 26.38
CA THR A 401 -20.20 -19.74 25.49
C THR A 401 -21.64 -20.26 25.59
N ALA A 402 -21.84 -21.57 25.77
CA ALA A 402 -23.19 -22.09 25.95
C ALA A 402 -23.90 -21.47 27.17
N MET A 403 -23.21 -21.44 28.30
CA MET A 403 -23.77 -20.85 29.50
C MET A 403 -24.24 -19.42 29.24
N ASP A 404 -23.49 -18.69 28.43
CA ASP A 404 -23.81 -17.30 28.14
C ASP A 404 -24.95 -17.13 27.11
N ILE A 405 -24.92 -17.90 26.03
CA ILE A 405 -25.90 -17.73 24.96
C ILE A 405 -27.23 -18.38 25.30
N PHE A 406 -27.21 -19.34 26.23
CA PHE A 406 -28.42 -19.98 26.72
C PHE A 406 -28.80 -19.50 28.11
N GLN A 407 -27.87 -18.79 28.75
CA GLN A 407 -28.12 -18.23 30.06
C GLN A 407 -28.45 -19.32 31.08
N VAL A 408 -27.54 -20.27 31.25
CA VAL A 408 -27.71 -21.34 32.20
C VAL A 408 -26.41 -21.63 32.94
N SER A 409 -26.51 -22.37 34.04
CA SER A 409 -25.34 -22.83 34.76
C SER A 409 -24.68 -23.99 33.99
N GLU A 410 -23.44 -24.28 34.35
CA GLU A 410 -22.64 -25.25 33.62
C GLU A 410 -23.31 -26.63 33.59
N ASP A 411 -24.04 -26.96 34.66
CA ASP A 411 -24.73 -28.24 34.75
C ASP A 411 -25.79 -28.39 33.64
N GLU A 412 -26.53 -27.32 33.38
CA GLU A 412 -27.66 -27.39 32.45
C GLU A 412 -27.28 -27.38 30.98
N VAL A 413 -25.98 -27.30 30.67
CA VAL A 413 -25.55 -27.34 29.29
C VAL A 413 -25.54 -28.77 28.76
N THR A 414 -26.48 -29.05 27.87
CA THR A 414 -26.56 -30.32 27.18
C THR A 414 -25.53 -30.36 26.07
N PRO A 415 -25.13 -31.57 25.66
CA PRO A 415 -24.21 -31.77 24.53
C PRO A 415 -24.63 -30.97 23.31
N ASN A 416 -25.93 -30.91 23.01
CA ASN A 416 -26.34 -30.17 21.83
C ASN A 416 -26.13 -28.66 22.01
N MET A 417 -26.46 -28.13 23.19
CA MET A 417 -26.21 -26.71 23.48
C MET A 417 -24.73 -26.40 23.27
N ARG A 418 -23.86 -27.31 23.69
CA ARG A 418 -22.43 -27.09 23.48
C ARG A 418 -22.08 -27.02 21.99
N ARG A 419 -22.70 -27.89 21.18
CA ARG A 419 -22.37 -27.89 19.74
C ARG A 419 -22.89 -26.64 19.01
N GLN A 420 -24.01 -26.12 19.48
CA GLN A 420 -24.54 -24.86 19.00
C GLN A 420 -23.61 -23.72 19.40
N ALA A 421 -23.18 -23.73 20.65
CA ALA A 421 -22.23 -22.70 21.14
C ALA A 421 -20.91 -22.77 20.37
N LYS A 422 -20.53 -23.98 19.97
CA LYS A 422 -19.32 -24.16 19.16
C LYS A 422 -19.48 -23.50 17.82
N ALA A 423 -20.68 -23.65 17.24
CA ALA A 423 -20.97 -23.02 15.96
C ALA A 423 -20.90 -21.50 16.09
N VAL A 424 -21.34 -21.00 17.23
CA VAL A 424 -21.24 -19.56 17.49
C VAL A 424 -19.77 -19.15 17.62
N ASN A 425 -19.02 -19.89 18.42
CA ASN A 425 -17.62 -19.55 18.66
C ASN A 425 -16.80 -19.44 17.38
N TYR A 426 -16.88 -20.43 16.50
CA TYR A 426 -16.14 -20.35 15.25
C TYR A 426 -16.84 -19.44 14.25
N GLY A 427 -18.17 -19.42 14.25
CA GLY A 427 -18.93 -18.56 13.36
C GLY A 427 -18.58 -17.08 13.50
N ILE A 428 -18.47 -16.63 14.75
CA ILE A 428 -18.08 -15.24 15.01
C ILE A 428 -16.71 -14.95 14.36
N VAL A 429 -15.82 -15.93 14.41
CA VAL A 429 -14.45 -15.80 13.88
C VAL A 429 -14.47 -15.71 12.35
N TYR A 430 -15.53 -16.26 11.74
CA TYR A 430 -15.67 -16.27 10.28
C TYR A 430 -16.69 -15.22 9.80
N GLY A 431 -17.16 -14.36 10.71
CA GLY A 431 -18.06 -13.28 10.35
C GLY A 431 -19.51 -13.71 10.07
N ILE A 432 -19.96 -14.80 10.69
CA ILE A 432 -21.30 -15.33 10.39
C ILE A 432 -22.41 -14.32 10.73
N SER A 433 -23.51 -14.35 9.96
CA SER A 433 -24.73 -13.58 10.26
C SER A 433 -25.74 -14.44 11.00
N ASP A 434 -26.78 -13.82 11.55
CA ASP A 434 -27.85 -14.62 12.17
C ASP A 434 -28.47 -15.60 11.17
N TYR A 435 -28.54 -15.20 9.90
CA TYR A 435 -29.09 -16.05 8.85
C TYR A 435 -28.23 -17.29 8.68
N GLY A 436 -26.92 -17.10 8.52
CA GLY A 436 -26.05 -18.24 8.34
C GLY A 436 -26.00 -19.14 9.56
N LEU A 437 -26.05 -18.54 10.73
CA LEU A 437 -26.02 -19.33 11.96
C LEU A 437 -27.30 -20.13 12.07
N ALA A 438 -28.43 -19.49 11.77
CA ALA A 438 -29.73 -20.15 11.80
C ALA A 438 -29.79 -21.29 10.79
N GLN A 439 -29.24 -21.05 9.60
CA GLN A 439 -29.24 -22.08 8.57
C GLN A 439 -28.33 -23.23 8.95
N ASN A 440 -27.18 -22.94 9.56
CA ASN A 440 -26.24 -23.99 9.87
C ASN A 440 -26.75 -24.89 11.01
N LEU A 441 -27.40 -24.29 11.99
CA LEU A 441 -27.90 -25.03 13.15
C LEU A 441 -29.36 -25.47 12.95
N ASN A 442 -29.97 -24.99 11.87
CA ASN A 442 -31.37 -25.26 11.60
C ASN A 442 -32.22 -24.90 12.79
N ILE A 443 -32.04 -23.66 13.24
CA ILE A 443 -32.80 -23.15 14.35
C ILE A 443 -33.47 -21.86 13.92
N SER A 444 -34.31 -21.33 14.80
CA SER A 444 -35.01 -20.08 14.53
C SER A 444 -34.00 -18.94 14.34
N ARG A 445 -34.28 -18.07 13.38
CA ARG A 445 -33.35 -16.97 13.06
C ARG A 445 -33.43 -15.92 14.16
N LYS A 446 -34.58 -15.87 14.83
CA LYS A 446 -34.73 -14.92 15.92
C LYS A 446 -33.78 -15.33 17.06
N GLU A 447 -33.68 -16.63 17.32
CA GLU A 447 -32.82 -17.16 18.38
C GLU A 447 -31.37 -16.98 17.99
N ALA A 448 -31.04 -17.32 16.76
CA ALA A 448 -29.67 -17.18 16.25
C ALA A 448 -29.16 -15.77 16.45
N ALA A 449 -30.02 -14.80 16.17
CA ALA A 449 -29.70 -13.40 16.40
C ALA A 449 -29.43 -13.12 17.89
N GLU A 450 -30.24 -13.72 18.76
CA GLU A 450 -30.00 -13.61 20.21
C GLU A 450 -28.66 -14.23 20.62
N PHE A 451 -28.31 -15.38 20.06
CA PHE A 451 -27.03 -16.02 20.38
C PHE A 451 -25.88 -15.05 20.12
N ILE A 452 -25.91 -14.41 18.95
CA ILE A 452 -24.85 -13.50 18.53
C ILE A 452 -24.82 -12.26 19.43
N GLU A 453 -25.99 -11.69 19.72
CA GLU A 453 -26.05 -10.51 20.58
C GLU A 453 -25.54 -10.86 21.98
N ARG A 454 -25.89 -12.03 22.49
CA ARG A 454 -25.41 -12.46 23.79
C ARG A 454 -23.92 -12.73 23.78
N TYR A 455 -23.40 -13.35 22.72
CA TYR A 455 -21.98 -13.54 22.60
C TYR A 455 -21.23 -12.21 22.73
N PHE A 456 -21.69 -11.19 22.00
CA PHE A 456 -21.00 -9.90 21.97
C PHE A 456 -21.18 -9.16 23.27
N GLU A 457 -22.31 -9.36 23.94
CA GLU A 457 -22.55 -8.79 25.27
C GLU A 457 -21.59 -9.40 26.29
N SER A 458 -21.24 -10.67 26.10
CA SER A 458 -20.37 -11.42 27.00
C SER A 458 -18.88 -11.25 26.70
N PHE A 459 -18.57 -10.92 25.44
CA PHE A 459 -17.18 -10.79 24.99
C PHE A 459 -17.04 -9.50 24.24
N PRO A 460 -17.29 -8.38 24.93
CA PRO A 460 -17.34 -7.03 24.37
C PRO A 460 -16.02 -6.67 23.66
N GLY A 461 -14.91 -7.21 24.14
CA GLY A 461 -13.61 -6.97 23.51
C GLY A 461 -13.55 -7.53 22.10
N VAL A 462 -14.26 -8.63 21.86
CA VAL A 462 -14.31 -9.18 20.51
C VAL A 462 -15.10 -8.27 19.57
N LYS A 463 -16.21 -7.73 20.06
CA LYS A 463 -17.01 -6.81 19.29
C LYS A 463 -16.18 -5.56 18.96
N ARG A 464 -15.45 -5.04 19.95
CA ARG A 464 -14.57 -3.87 19.71
C ARG A 464 -13.49 -4.24 18.69
N TYR A 465 -12.91 -5.44 18.79
CA TYR A 465 -11.94 -5.89 17.79
C TYR A 465 -12.51 -5.86 16.38
N MET A 466 -13.68 -6.45 16.20
CA MET A 466 -14.29 -6.50 14.88
CA MET A 466 -14.28 -6.52 14.87
C MET A 466 -14.48 -5.10 14.32
N GLU A 467 -14.92 -4.18 15.17
CA GLU A 467 -15.12 -2.80 14.74
C GLU A 467 -13.77 -2.19 14.40
N ASN A 468 -12.80 -2.37 15.30
CA ASN A 468 -11.51 -1.70 15.17
C ASN A 468 -10.75 -2.17 13.94
N ILE A 469 -10.73 -3.48 13.71
CA ILE A 469 -9.94 -4.03 12.62
C ILE A 469 -10.51 -3.65 11.23
N VAL A 470 -11.83 -3.50 11.16
CA VAL A 470 -12.49 -3.04 9.95
C VAL A 470 -12.12 -1.58 9.71
N GLN A 471 -12.09 -0.80 10.77
CA GLN A 471 -11.64 0.61 10.69
C GLN A 471 -10.18 0.70 10.25
N GLU A 472 -9.32 -0.13 10.82
CA GLU A 472 -7.91 -0.13 10.44
C GLU A 472 -7.73 -0.49 8.96
N ALA A 473 -8.48 -1.48 8.51
CA ALA A 473 -8.37 -1.90 7.13
C ALA A 473 -8.80 -0.77 6.18
N LYS A 474 -9.86 -0.06 6.54
CA LYS A 474 -10.35 1.02 5.71
C LYS A 474 -9.28 2.10 5.64
N GLN A 475 -8.61 2.34 6.77
CA GLN A 475 -7.63 3.44 6.84
C GLN A 475 -6.29 3.11 6.17
N LYS A 476 -5.84 1.88 6.35
CA LYS A 476 -4.52 1.48 5.82
C LYS A 476 -4.60 0.76 4.48
N GLY A 477 -5.73 0.11 4.23
CA GLY A 477 -5.91 -0.66 3.01
C GLY A 477 -5.49 -2.12 3.13
N TYR A 478 -5.06 -2.52 4.31
CA TYR A 478 -4.63 -3.91 4.53
C TYR A 478 -4.73 -4.25 6.01
N VAL A 479 -4.68 -5.54 6.32
CA VAL A 479 -4.57 -5.98 7.69
C VAL A 479 -3.28 -6.80 7.82
N THR A 480 -2.84 -7.03 9.06
CA THR A 480 -1.55 -7.66 9.32
C THR A 480 -1.67 -8.76 10.38
N THR A 481 -0.78 -9.73 10.30
CA THR A 481 -0.74 -10.80 11.31
C THR A 481 0.33 -10.57 12.37
N LEU A 482 0.38 -11.48 13.38
CA LEU A 482 1.36 -11.39 14.45
C LEU A 482 2.81 -11.22 13.97
N LEU A 483 3.21 -11.99 12.96
CA LEU A 483 4.59 -11.91 12.45
C LEU A 483 4.70 -11.01 11.18
N HIS A 484 3.73 -10.13 10.99
CA HIS A 484 3.76 -9.06 9.99
C HIS A 484 3.44 -9.48 8.55
N ARG A 485 2.77 -10.60 8.39
CA ARG A 485 2.19 -10.94 7.10
C ARG A 485 1.06 -9.96 6.84
N ARG A 486 0.80 -9.67 5.57
CA ARG A 486 -0.29 -8.75 5.26
C ARG A 486 -1.23 -9.24 4.16
N ARG A 487 -2.42 -8.69 4.18
CA ARG A 487 -3.41 -8.95 3.15
C ARG A 487 -4.07 -7.65 2.81
N TYR A 488 -4.05 -7.26 1.53
CA TYR A 488 -4.70 -6.04 1.10
C TYR A 488 -6.17 -6.29 0.81
N LEU A 489 -7.00 -5.32 1.12
CA LEU A 489 -8.46 -5.43 1.05
C LEU A 489 -9.03 -4.16 0.40
N PRO A 490 -8.71 -3.96 -0.87
CA PRO A 490 -9.21 -2.75 -1.56
C PRO A 490 -10.74 -2.64 -1.65
N ASP A 491 -11.48 -3.72 -1.43
CA ASP A 491 -12.94 -3.64 -1.48
C ASP A 491 -13.56 -3.13 -0.19
N ILE A 492 -12.74 -2.88 0.84
CA ILE A 492 -13.28 -2.55 2.16
C ILE A 492 -14.11 -1.25 2.18
N THR A 493 -13.89 -0.35 1.23
CA THR A 493 -14.66 0.90 1.23
C THR A 493 -15.66 0.97 0.07
N SER A 494 -15.89 -0.17 -0.58
CA SER A 494 -16.89 -0.25 -1.64
C SER A 494 -18.26 0.18 -1.15
N ARG A 495 -18.97 0.98 -1.94
CA ARG A 495 -20.32 1.36 -1.57
C ARG A 495 -21.26 0.16 -1.65
N ASN A 496 -20.85 -0.90 -2.36
CA ASN A 496 -21.73 -2.05 -2.51
C ASN A 496 -21.72 -2.94 -1.28
N PHE A 497 -22.88 -3.15 -0.69
CA PHE A 497 -23.00 -3.93 0.54
C PHE A 497 -22.36 -5.31 0.48
N ASN A 498 -22.58 -6.04 -0.61
CA ASN A 498 -22.10 -7.42 -0.69
C ASN A 498 -20.59 -7.48 -0.77
N VAL A 499 -20.03 -6.65 -1.65
CA VAL A 499 -18.60 -6.57 -1.86
C VAL A 499 -17.88 -6.06 -0.61
N ARG A 500 -18.45 -5.04 0.02
CA ARG A 500 -17.86 -4.48 1.25
C ARG A 500 -17.95 -5.47 2.41
N SER A 501 -19.10 -6.09 2.56
CA SER A 501 -19.31 -7.07 3.62
C SER A 501 -18.27 -8.18 3.54
N PHE A 502 -17.99 -8.67 2.34
CA PHE A 502 -17.03 -9.78 2.19
C PHE A 502 -15.64 -9.31 2.64
N ALA A 503 -15.30 -8.07 2.29
CA ALA A 503 -13.98 -7.55 2.65
C ALA A 503 -13.92 -7.37 4.16
N GLU A 504 -15.03 -6.91 4.75
CA GLU A 504 -15.07 -6.72 6.19
C GLU A 504 -14.84 -8.06 6.91
N ARG A 505 -15.38 -9.14 6.38
CA ARG A 505 -15.20 -10.43 7.04
C ARG A 505 -13.76 -10.90 6.89
N MET A 506 -13.16 -10.62 5.75
CA MET A 506 -11.74 -10.93 5.56
C MET A 506 -10.87 -10.13 6.53
N ALA A 507 -11.28 -8.90 6.79
CA ALA A 507 -10.49 -8.06 7.69
C ALA A 507 -10.49 -8.64 9.10
N MET A 508 -11.64 -9.17 9.49
CA MET A 508 -11.82 -9.73 10.82
C MET A 508 -11.13 -11.08 10.95
N ASN A 509 -11.19 -11.89 9.90
CA ASN A 509 -10.69 -13.25 9.99
C ASN A 509 -9.19 -13.41 9.70
N THR A 510 -8.67 -12.65 8.74
CA THR A 510 -7.29 -12.86 8.31
C THR A 510 -6.23 -12.68 9.44
N PRO A 511 -6.38 -11.69 10.31
CA PRO A 511 -5.35 -11.62 11.34
C PRO A 511 -5.38 -12.85 12.24
N ILE A 512 -6.55 -13.46 12.36
CA ILE A 512 -6.72 -14.64 13.24
C ILE A 512 -6.14 -15.88 12.55
N GLN A 513 -6.66 -16.17 11.35
CA GLN A 513 -6.21 -17.35 10.64
C GLN A 513 -4.73 -17.21 10.29
N GLY A 514 -4.33 -16.02 9.86
CA GLY A 514 -2.97 -15.82 9.44
C GLY A 514 -1.95 -15.83 10.58
N SER A 515 -2.32 -15.30 11.75
CA SER A 515 -1.42 -15.40 12.89
C SER A 515 -1.27 -16.87 13.30
N ALA A 516 -2.35 -17.64 13.25
CA ALA A 516 -2.24 -19.06 13.54
C ALA A 516 -1.30 -19.77 12.57
N ALA A 517 -1.30 -19.33 11.32
CA ALA A 517 -0.41 -19.92 10.33
C ALA A 517 1.02 -19.54 10.63
N ASP A 518 1.23 -18.28 11.00
CA ASP A 518 2.55 -17.81 11.40
C ASP A 518 3.11 -18.70 12.52
N ILE A 519 2.27 -18.98 13.51
CA ILE A 519 2.73 -19.69 14.71
C ILE A 519 3.15 -21.12 14.37
N ILE A 520 2.31 -21.84 13.65
CA ILE A 520 2.69 -23.23 13.34
C ILE A 520 3.93 -23.30 12.42
N LYS A 521 4.10 -22.31 11.54
CA LYS A 521 5.30 -22.31 10.72
C LYS A 521 6.56 -22.14 11.57
N LYS A 522 6.48 -21.23 12.53
CA LYS A 522 7.64 -20.97 13.37
C LYS A 522 7.91 -22.23 14.20
N ALA A 523 6.84 -22.88 14.63
CA ALA A 523 6.99 -24.13 15.38
C ALA A 523 7.71 -25.19 14.57
N MET A 524 7.43 -25.27 13.28
CA MET A 524 8.08 -26.25 12.45
C MET A 524 9.57 -26.01 12.39
N ILE A 525 9.95 -24.74 12.29
CA ILE A 525 11.35 -24.39 12.27
C ILE A 525 12.00 -24.71 13.61
N ASP A 526 11.36 -24.29 14.70
CA ASP A 526 11.95 -24.55 16.01
C ASP A 526 12.09 -26.06 16.26
N LEU A 527 11.05 -26.81 15.86
CA LEU A 527 11.06 -28.27 16.04
C LEU A 527 12.19 -28.96 15.27
N ASN A 528 12.37 -28.63 14.00
CA ASN A 528 13.44 -29.25 13.23
C ASN A 528 14.81 -28.97 13.81
N ALA A 529 15.00 -27.76 14.32
CA ALA A 529 16.24 -27.41 15.00
C ALA A 529 16.48 -28.34 16.18
N ARG A 530 15.42 -28.66 16.91
CA ARG A 530 15.58 -29.45 18.12
C ARG A 530 15.81 -30.92 17.80
N LEU A 531 15.08 -31.43 16.81
CA LEU A 531 15.27 -32.81 16.37
C LEU A 531 16.72 -33.06 15.92
N LYS A 532 17.25 -32.12 15.14
CA LYS A 532 18.62 -32.23 14.66
C LYS A 532 19.59 -32.00 15.81
N GLU A 533 19.26 -31.05 16.68
CA GLU A 533 20.09 -30.78 17.85
C GLU A 533 20.32 -32.06 18.64
N GLU A 534 19.28 -32.86 18.80
CA GLU A 534 19.33 -34.06 19.62
C GLU A 534 19.62 -35.33 18.83
N ARG A 535 19.88 -35.16 17.53
CA ARG A 535 20.23 -36.25 16.62
C ARG A 535 19.21 -37.38 16.66
N LEU A 536 17.94 -36.99 16.73
CA LEU A 536 16.84 -37.93 16.68
C LEU A 536 16.54 -38.30 15.22
N GLN A 537 16.03 -39.50 15.00
CA GLN A 537 15.65 -39.89 13.65
C GLN A 537 14.26 -39.36 13.29
N ALA A 538 13.51 -38.92 14.29
CA ALA A 538 12.15 -38.44 14.07
C ALA A 538 12.18 -37.39 12.97
N HIS A 539 11.15 -37.37 12.12
CA HIS A 539 11.07 -36.27 11.19
C HIS A 539 9.64 -35.96 10.81
N LEU A 540 9.44 -34.71 10.43
CA LEU A 540 8.14 -34.27 10.00
C LEU A 540 7.71 -34.96 8.72
N LEU A 541 6.43 -35.34 8.67
CA LEU A 541 5.83 -35.82 7.44
C LEU A 541 4.81 -34.84 6.87
N LEU A 542 3.94 -34.32 7.72
CA LEU A 542 2.85 -33.45 7.25
C LEU A 542 2.54 -32.30 8.19
N GLN A 543 1.99 -31.22 7.63
CA GLN A 543 1.35 -30.18 8.43
C GLN A 543 -0.09 -30.10 7.93
N VAL A 544 -1.04 -30.02 8.85
CA VAL A 544 -2.45 -29.88 8.50
C VAL A 544 -3.04 -28.67 9.23
N HIS A 545 -2.48 -27.51 8.90
CA HIS A 545 -2.90 -26.18 9.40
C HIS A 545 -2.69 -25.90 10.86
N ASP A 546 -3.17 -26.78 11.73
CA ASP A 546 -2.96 -26.60 13.15
C ASP A 546 -2.43 -27.87 13.79
N GLU A 547 -1.92 -28.78 12.97
CA GLU A 547 -1.31 -29.97 13.54
C GLU A 547 -0.06 -30.40 12.75
N LEU A 548 0.81 -31.15 13.42
CA LEU A 548 2.04 -31.64 12.81
C LEU A 548 2.04 -33.16 12.95
N ILE A 549 2.40 -33.86 11.89
CA ILE A 549 2.46 -35.32 11.90
CA ILE A 549 2.46 -35.32 11.90
C ILE A 549 3.89 -35.73 11.62
N LEU A 550 4.45 -36.57 12.48
CA LEU A 550 5.81 -37.04 12.33
C LEU A 550 5.83 -38.57 12.30
N GLU A 551 6.99 -39.13 11.97
CA GLU A 551 7.23 -40.56 12.23
C GLU A 551 8.58 -40.70 12.89
N ALA A 552 8.75 -41.73 13.72
CA ALA A 552 10.01 -41.92 14.39
C ALA A 552 10.13 -43.35 14.81
N PRO A 553 11.35 -43.79 15.06
CA PRO A 553 11.55 -45.11 15.70
C PRO A 553 10.72 -45.21 16.97
N LYS A 554 10.17 -46.38 17.28
CA LYS A 554 9.31 -46.48 18.44
C LYS A 554 10.03 -46.01 19.71
N GLU A 555 11.35 -46.15 19.71
CA GLU A 555 12.17 -45.78 20.85
C GLU A 555 12.07 -44.31 21.22
N GLU A 556 11.64 -43.47 20.27
CA GLU A 556 11.71 -42.03 20.44
C GLU A 556 10.42 -41.40 20.94
N MET A 557 9.36 -42.21 21.11
CA MET A 557 8.05 -41.68 21.50
C MET A 557 8.10 -40.89 22.82
N GLU A 558 8.80 -41.44 23.81
CA GLU A 558 8.91 -40.83 25.12
C GLU A 558 9.48 -39.41 24.99
N ARG A 559 10.51 -39.28 24.17
CA ARG A 559 11.16 -37.98 24.02
C ARG A 559 10.25 -37.04 23.24
N LEU A 560 9.62 -37.55 22.19
CA LEU A 560 8.73 -36.70 21.36
C LEU A 560 7.54 -36.20 22.18
N CYS A 561 7.05 -37.05 23.07
CA CYS A 561 5.92 -36.71 23.94
C CYS A 561 6.21 -35.49 24.79
N ARG A 562 7.49 -35.24 25.04
CA ARG A 562 7.91 -34.07 25.79
C ARG A 562 8.33 -32.92 24.86
N LEU A 563 9.12 -33.24 23.85
CA LEU A 563 9.72 -32.21 22.99
C LEU A 563 8.69 -31.54 22.08
N VAL A 564 7.86 -32.34 21.43
CA VAL A 564 6.99 -31.78 20.38
C VAL A 564 5.98 -30.77 20.93
N PRO A 565 5.28 -31.10 22.02
CA PRO A 565 4.30 -30.12 22.51
C PRO A 565 4.96 -28.87 23.11
N GLU A 566 6.06 -29.05 23.84
CA GLU A 566 6.76 -27.91 24.39
C GLU A 566 7.20 -26.93 23.28
N VAL A 567 7.77 -27.46 22.19
CA VAL A 567 8.20 -26.59 21.08
C VAL A 567 7.03 -25.87 20.41
N MET A 568 5.93 -26.58 20.21
CA MET A 568 4.78 -25.99 19.58
C MET A 568 4.15 -24.92 20.48
N GLU A 569 4.09 -25.19 21.79
CA GLU A 569 3.40 -24.28 22.71
C GLU A 569 4.22 -23.00 22.92
N GLN A 570 5.53 -23.13 22.79
CA GLN A 570 6.44 -22.05 23.10
C GLN A 570 6.89 -21.28 21.85
N ALA A 571 6.41 -21.66 20.68
CA ALA A 571 6.88 -21.03 19.44
C ALA A 571 6.74 -19.52 19.48
N VAL A 572 5.61 -19.05 20.01
CA VAL A 572 5.37 -17.64 20.29
C VAL A 572 4.76 -17.54 21.68
N THR A 573 4.76 -16.33 22.21
CA THR A 573 4.19 -16.08 23.53
C THR A 573 3.04 -15.12 23.38
N LEU A 574 1.84 -15.58 23.70
CA LEU A 574 0.65 -14.76 23.61
C LEU A 574 0.20 -14.35 25.01
N ARG A 575 -0.95 -13.67 25.06
CA ARG A 575 -1.50 -13.14 26.30
C ARG A 575 -2.29 -14.28 26.95
N VAL A 576 -2.53 -15.34 26.19
CA VAL A 576 -3.05 -16.59 26.72
C VAL A 576 -2.11 -17.74 26.39
N PRO A 577 -2.20 -18.82 27.14
CA PRO A 577 -1.32 -19.94 26.78
C PRO A 577 -1.74 -20.63 25.50
N LEU A 578 -0.78 -21.26 24.83
CA LEU A 578 -1.13 -22.21 23.78
C LEU A 578 -1.09 -23.63 24.34
N LYS A 579 -1.97 -24.48 23.81
CA LYS A 579 -2.14 -25.83 24.33
C LYS A 579 -2.07 -26.83 23.18
N VAL A 580 -1.36 -27.93 23.41
CA VAL A 580 -1.10 -28.89 22.36
C VAL A 580 -1.38 -30.30 22.87
N ASP A 581 -2.21 -31.01 22.12
CA ASP A 581 -2.52 -32.40 22.38
C ASP A 581 -1.71 -33.28 21.44
N TYR A 582 -1.43 -34.51 21.85
CA TYR A 582 -0.55 -35.33 21.05
C TYR A 582 -0.82 -36.80 21.31
N HIS A 583 -0.68 -37.60 20.25
CA HIS A 583 -0.92 -39.04 20.32
C HIS A 583 0.04 -39.78 19.38
N TYR A 584 0.21 -41.08 19.56
CA TYR A 584 1.03 -41.81 18.61
C TYR A 584 0.52 -43.23 18.49
N GLY A 585 0.80 -43.87 17.37
CA GLY A 585 0.36 -45.24 17.15
C GLY A 585 0.92 -45.81 15.87
N SER A 586 0.44 -46.98 15.50
CA SER A 586 1.02 -47.74 14.42
CA SER A 586 1.00 -47.75 14.41
C SER A 586 0.63 -47.21 13.04
N THR A 587 -0.41 -46.36 13.00
CA THR A 587 -0.86 -45.75 11.76
C THR A 587 -1.41 -44.38 12.13
N TRP A 588 -1.62 -43.53 11.13
CA TRP A 588 -2.18 -42.21 11.38
C TRP A 588 -3.51 -42.34 12.11
N TYR A 589 -4.30 -43.32 11.72
CA TYR A 589 -5.58 -43.58 12.39
C TYR A 589 -5.43 -43.81 13.89
N ASP A 590 -4.37 -44.51 14.27
CA ASP A 590 -4.21 -44.96 15.66
C ASP A 590 -3.52 -43.93 16.51
N ALA A 591 -2.95 -42.91 15.87
CA ALA A 591 -2.34 -41.80 16.56
C ALA A 591 -3.45 -40.87 17.02
N LYS A 592 -4.29 -41.36 17.93
CA LYS A 592 -5.46 -40.62 18.37
C LYS A 592 -5.76 -40.94 19.83
N LYS B 10 35.77 26.39 17.83
CA LYS B 10 34.96 25.38 17.16
C LYS B 10 34.31 24.46 18.18
N PRO B 11 33.01 24.18 18.02
CA PRO B 11 32.27 23.31 18.95
C PRO B 11 32.59 21.81 18.85
N LEU B 12 32.79 21.31 17.63
CA LEU B 12 32.90 19.87 17.40
C LEU B 12 34.35 19.40 17.45
N ALA B 13 34.54 18.10 17.64
CA ALA B 13 35.89 17.53 17.72
C ALA B 13 36.25 17.02 16.33
N LYS B 14 36.95 15.90 16.26
CA LYS B 14 37.50 15.43 14.99
C LYS B 14 36.55 14.45 14.33
N MET B 15 36.29 14.67 13.04
CA MET B 15 35.69 13.62 12.22
C MET B 15 36.63 13.32 11.06
N ALA B 16 37.07 12.08 11.00
CA ALA B 16 38.02 11.65 10.00
C ALA B 16 37.39 11.60 8.63
N PHE B 17 38.11 12.14 7.65
CA PHE B 17 37.68 11.99 6.28
C PHE B 17 38.86 12.22 5.34
N THR B 18 38.73 11.72 4.11
CA THR B 18 39.73 11.94 3.09
C THR B 18 39.35 13.12 2.23
N LEU B 19 40.24 14.09 2.14
CA LEU B 19 40.06 15.18 1.19
C LEU B 19 40.72 14.73 -0.10
N ALA B 20 39.90 14.26 -1.02
CA ALA B 20 40.40 13.48 -2.15
C ALA B 20 40.75 14.41 -3.27
N ASP B 21 41.83 14.05 -3.99
CA ASP B 21 42.20 14.77 -5.20
C ASP B 21 41.68 14.07 -6.45
N ARG B 22 41.32 12.78 -6.33
CA ARG B 22 40.71 12.03 -7.42
C ARG B 22 39.62 11.10 -6.90
N VAL B 23 38.71 10.68 -7.78
CA VAL B 23 37.70 9.67 -7.46
C VAL B 23 38.32 8.27 -7.46
N THR B 24 38.07 7.50 -6.40
CA THR B 24 38.53 6.12 -6.35
C THR B 24 37.32 5.19 -6.31
N GLU B 25 37.57 3.91 -6.56
CA GLU B 25 36.49 2.93 -6.61
C GLU B 25 35.70 2.84 -5.32
N GLU B 26 36.38 2.96 -4.19
CA GLU B 26 35.68 2.78 -2.92
C GLU B 26 34.67 3.91 -2.66
N MET B 27 34.79 5.00 -3.40
CA MET B 27 33.83 6.09 -3.31
C MET B 27 32.54 5.79 -4.09
N LEU B 28 32.55 4.70 -4.85
CA LEU B 28 31.45 4.39 -5.76
C LEU B 28 30.69 3.12 -5.35
N ALA B 29 30.62 2.91 -4.04
CA ALA B 29 29.87 1.81 -3.45
C ALA B 29 28.38 1.91 -3.77
N ASP B 30 27.65 0.82 -3.55
CA ASP B 30 26.26 0.78 -3.97
C ASP B 30 25.26 1.34 -2.97
N LYS B 31 25.77 1.87 -1.86
CA LYS B 31 24.97 2.64 -0.93
C LYS B 31 25.85 3.73 -0.32
N ALA B 32 25.34 4.96 -0.31
CA ALA B 32 26.10 6.08 0.22
C ALA B 32 25.21 7.24 0.63
N ALA B 33 25.69 8.03 1.58
CA ALA B 33 25.11 9.36 1.82
C ALA B 33 25.89 10.29 0.93
N LEU B 34 25.17 11.17 0.22
CA LEU B 34 25.77 12.05 -0.75
C LEU B 34 25.32 13.46 -0.50
N VAL B 35 26.28 14.37 -0.48
CA VAL B 35 26.02 15.81 -0.39
C VAL B 35 26.62 16.50 -1.62
N VAL B 36 25.75 17.23 -2.32
CA VAL B 36 26.14 17.98 -3.51
C VAL B 36 25.68 19.40 -3.20
N GLU B 37 26.60 20.20 -2.70
CA GLU B 37 26.26 21.40 -1.96
C GLU B 37 26.05 22.62 -2.88
N VAL B 38 24.84 23.17 -2.77
CA VAL B 38 24.47 24.38 -3.50
C VAL B 38 24.02 25.40 -2.46
N VAL B 39 24.87 26.41 -2.23
CA VAL B 39 24.63 27.40 -1.19
C VAL B 39 23.67 28.52 -1.60
N GLU B 40 23.67 28.90 -2.88
CA GLU B 40 22.70 29.91 -3.33
C GLU B 40 21.27 29.42 -3.08
N GLU B 41 20.41 30.26 -2.52
CA GLU B 41 19.07 29.79 -2.15
C GLU B 41 18.31 29.32 -3.38
N ASN B 42 18.40 30.11 -4.44
CA ASN B 42 17.86 29.71 -5.75
C ASN B 42 18.90 28.86 -6.48
N TYR B 43 18.65 27.56 -6.60
CA TYR B 43 19.64 26.64 -7.14
C TYR B 43 19.67 26.52 -8.67
N HIS B 44 18.79 27.22 -9.36
CA HIS B 44 18.83 27.19 -10.83
C HIS B 44 20.12 27.81 -11.37
N ASP B 45 20.84 27.03 -12.14
CA ASP B 45 22.12 27.42 -12.77
C ASP B 45 23.09 27.96 -11.72
N ALA B 46 23.05 27.36 -10.53
CA ALA B 46 23.89 27.82 -9.42
C ALA B 46 25.13 26.94 -9.25
N PRO B 47 26.17 27.50 -8.63
CA PRO B 47 27.40 26.73 -8.47
C PRO B 47 27.23 25.57 -7.50
N ILE B 48 27.94 24.50 -7.77
CA ILE B 48 28.07 23.43 -6.78
C ILE B 48 29.40 23.70 -6.13
N VAL B 49 29.39 23.79 -4.81
CA VAL B 49 30.57 24.28 -4.11
C VAL B 49 31.48 23.20 -3.52
N GLY B 50 30.98 21.98 -3.46
CA GLY B 50 31.67 20.88 -2.79
C GLY B 50 30.79 19.64 -2.80
N ILE B 51 31.43 18.46 -2.71
CA ILE B 51 30.74 17.21 -2.66
C ILE B 51 31.26 16.39 -1.49
N ALA B 52 30.36 15.68 -0.80
CA ALA B 52 30.82 14.69 0.18
C ALA B 52 30.11 13.36 -0.03
N VAL B 53 30.84 12.29 0.23
CA VAL B 53 30.33 10.92 0.15
C VAL B 53 30.69 10.19 1.44
N VAL B 54 29.70 9.60 2.10
CA VAL B 54 29.97 8.70 3.22
C VAL B 54 29.37 7.34 2.90
N ASN B 55 30.17 6.30 3.05
CA ASN B 55 29.70 4.96 2.79
C ASN B 55 30.44 3.96 3.69
N GLU B 56 30.27 2.68 3.43
CA GLU B 56 30.89 1.64 4.25
C GLU B 56 32.41 1.76 4.31
N HIS B 57 33.01 2.41 3.32
CA HIS B 57 34.45 2.42 3.17
C HIS B 57 35.10 3.63 3.80
N GLY B 58 34.31 4.66 4.06
CA GLY B 58 34.82 5.82 4.76
C GLY B 58 34.08 7.09 4.40
N ARG B 59 34.71 8.23 4.67
CA ARG B 59 34.13 9.55 4.41
C ARG B 59 35.07 10.32 3.49
N PHE B 60 34.50 10.98 2.49
CA PHE B 60 35.30 11.55 1.39
C PHE B 60 34.77 12.95 1.03
N PHE B 61 35.67 13.91 0.83
CA PHE B 61 35.30 15.21 0.28
C PHE B 61 35.92 15.30 -1.10
N LEU B 62 35.14 15.77 -2.07
CA LEU B 62 35.57 15.91 -3.46
C LEU B 62 35.31 17.32 -3.95
N ARG B 63 36.28 17.89 -4.68
CA ARG B 63 36.05 19.16 -5.34
C ARG B 63 35.20 18.89 -6.57
N PRO B 64 34.20 19.74 -6.83
CA PRO B 64 33.30 19.42 -7.94
C PRO B 64 33.95 19.53 -9.32
N GLU B 65 34.90 20.43 -9.50
CA GLU B 65 35.54 20.55 -10.81
C GLU B 65 36.21 19.23 -11.18
N THR B 66 36.73 18.55 -10.17
CA THR B 66 37.31 17.20 -10.30
C THR B 66 36.27 16.12 -10.55
N ALA B 67 35.38 15.95 -9.58
CA ALA B 67 34.44 14.83 -9.54
C ALA B 67 33.43 14.85 -10.70
N LEU B 68 32.95 16.04 -11.06
CA LEU B 68 31.91 16.11 -12.07
C LEU B 68 32.43 15.94 -13.47
N ALA B 69 33.75 15.93 -13.62
CA ALA B 69 34.38 15.65 -14.90
C ALA B 69 34.94 14.24 -14.96
N ASP B 70 34.71 13.46 -13.90
CA ASP B 70 35.20 12.10 -13.84
C ASP B 70 34.12 11.16 -14.33
N PRO B 71 34.37 10.47 -15.44
CA PRO B 71 33.29 9.66 -16.01
C PRO B 71 32.74 8.58 -15.07
N GLN B 72 33.59 7.96 -14.25
CA GLN B 72 33.07 6.96 -13.31
C GLN B 72 32.17 7.60 -12.25
N PHE B 73 32.53 8.77 -11.75
CA PHE B 73 31.67 9.41 -10.75
C PHE B 73 30.32 9.80 -11.35
N VAL B 74 30.35 10.29 -12.58
CA VAL B 74 29.14 10.70 -13.24
C VAL B 74 28.24 9.49 -13.52
N ALA B 75 28.86 8.37 -13.91
CA ALA B 75 28.11 7.15 -14.18
C ALA B 75 27.46 6.65 -12.88
N TRP B 76 28.21 6.73 -11.79
CA TRP B 76 27.71 6.36 -10.48
C TRP B 76 26.52 7.23 -10.12
N LEU B 77 26.63 8.53 -10.33
CA LEU B 77 25.52 9.46 -10.02
C LEU B 77 24.24 9.09 -10.72
N GLY B 78 24.37 8.68 -11.99
CA GLY B 78 23.22 8.38 -12.84
C GLY B 78 22.74 6.94 -12.80
N ASP B 79 23.39 6.10 -12.00
CA ASP B 79 23.06 4.67 -11.93
C ASP B 79 22.03 4.47 -10.83
N GLU B 80 20.81 4.14 -11.22
CA GLU B 80 19.72 3.99 -10.24
C GLU B 80 19.93 2.85 -9.25
N THR B 81 20.80 1.89 -9.57
CA THR B 81 21.10 0.78 -8.66
C THR B 81 22.12 1.15 -7.59
N LYS B 82 22.75 2.32 -7.72
CA LYS B 82 23.63 2.83 -6.68
C LYS B 82 22.80 3.79 -5.84
N LYS B 83 22.45 3.38 -4.62
CA LYS B 83 21.51 4.13 -3.82
C LYS B 83 22.15 5.26 -3.02
N LYS B 84 21.51 6.43 -3.07
CA LYS B 84 21.99 7.57 -2.32
C LYS B 84 20.96 8.07 -1.31
N SER B 85 21.47 8.42 -0.14
CA SER B 85 20.72 9.10 0.87
CA SER B 85 20.70 9.10 0.87
C SER B 85 21.18 10.53 0.91
N MET B 86 20.22 11.45 0.92
CA MET B 86 20.53 12.87 0.76
C MET B 86 19.63 13.72 1.61
N PHE B 87 19.90 15.01 1.62
CA PHE B 87 18.98 16.01 2.15
C PHE B 87 18.71 17.04 1.04
N ASP B 88 17.44 17.24 0.70
CA ASP B 88 17.03 18.11 -0.41
C ASP B 88 17.66 17.64 -1.72
N SER B 89 17.32 16.44 -2.13
CA SER B 89 17.83 15.88 -3.37
C SER B 89 17.37 16.66 -4.62
N LYS B 90 16.21 17.29 -4.55
CA LYS B 90 15.74 18.08 -5.69
C LYS B 90 16.71 19.22 -6.00
N ARG B 91 17.15 19.90 -4.97
CA ARG B 91 18.15 20.98 -5.15
C ARG B 91 19.37 20.46 -5.92
N ALA B 92 19.93 19.35 -5.45
CA ALA B 92 21.05 18.70 -6.07
C ALA B 92 20.74 18.27 -7.50
N ALA B 93 19.61 17.60 -7.68
CA ALA B 93 19.23 17.14 -9.00
C ALA B 93 19.13 18.26 -10.02
N VAL B 94 18.47 19.36 -9.64
CA VAL B 94 18.28 20.47 -10.53
C VAL B 94 19.62 21.16 -10.84
N ALA B 95 20.41 21.41 -9.82
CA ALA B 95 21.72 22.02 -10.04
C ALA B 95 22.58 21.15 -10.99
N LEU B 96 22.49 19.84 -10.84
CA LEU B 96 23.21 18.93 -11.73
C LEU B 96 22.64 18.93 -13.14
N LYS B 97 21.32 19.04 -13.26
CA LYS B 97 20.71 19.13 -14.58
C LYS B 97 21.22 20.31 -15.34
N TRP B 98 21.41 21.45 -14.68
CA TRP B 98 21.98 22.60 -15.34
C TRP B 98 23.43 22.38 -15.78
N LYS B 99 24.06 21.31 -15.30
CA LYS B 99 25.41 20.94 -15.75
C LYS B 99 25.43 19.72 -16.68
N GLY B 100 24.25 19.31 -17.11
CA GLY B 100 24.04 18.18 -18.00
C GLY B 100 24.33 16.85 -17.35
N ILE B 101 24.14 16.76 -16.03
CA ILE B 101 24.38 15.54 -15.26
C ILE B 101 23.11 15.04 -14.61
N GLU B 102 22.83 13.75 -14.81
CA GLU B 102 21.67 13.05 -14.25
C GLU B 102 21.97 12.39 -12.92
N LEU B 103 21.12 12.67 -11.93
CA LEU B 103 21.18 12.03 -10.62
C LEU B 103 20.04 11.05 -10.51
N CYS B 104 20.37 9.79 -10.28
CA CYS B 104 19.39 8.74 -10.09
C CYS B 104 19.70 7.99 -8.81
N GLY B 105 18.76 7.17 -8.38
CA GLY B 105 19.00 6.28 -7.26
C GLY B 105 18.88 6.88 -5.87
N VAL B 106 18.21 8.01 -5.72
CA VAL B 106 18.00 8.59 -4.40
C VAL B 106 16.93 7.79 -3.70
N SER B 107 17.31 7.07 -2.63
CA SER B 107 16.37 6.20 -1.94
C SER B 107 15.91 6.76 -0.61
N PHE B 108 16.53 7.84 -0.16
CA PHE B 108 16.16 8.49 1.10
C PHE B 108 16.49 9.96 1.04
N ASP B 109 15.51 10.82 1.28
CA ASP B 109 15.71 12.26 1.39
C ASP B 109 15.26 12.73 2.79
N LEU B 110 16.23 13.11 3.60
CA LEU B 110 16.04 13.49 4.98
C LEU B 110 15.18 14.75 5.15
N LEU B 111 15.24 15.68 4.18
CA LEU B 111 14.35 16.83 4.23
C LEU B 111 12.89 16.37 4.17
N LEU B 112 12.57 15.53 3.20
CA LEU B 112 11.20 15.04 3.02
C LEU B 112 10.77 14.20 4.19
N ALA B 113 11.69 13.37 4.67
CA ALA B 113 11.41 12.54 5.85
C ALA B 113 11.01 13.39 7.03
N ALA B 114 11.83 14.38 7.36
CA ALA B 114 11.53 15.27 8.46
C ALA B 114 10.22 16.03 8.29
N TYR B 115 9.98 16.52 7.08
CA TYR B 115 8.73 17.21 6.75
C TYR B 115 7.50 16.34 7.02
N LEU B 116 7.55 15.08 6.64
CA LEU B 116 6.41 14.21 6.90
C LEU B 116 6.25 13.91 8.38
N LEU B 117 7.34 13.69 9.08
CA LEU B 117 7.23 13.43 10.52
C LEU B 117 6.66 14.58 11.28
N ASP B 118 6.99 15.82 10.91
CA ASP B 118 6.39 16.96 11.58
C ASP B 118 6.60 18.20 10.76
N PRO B 119 5.61 18.59 9.99
CA PRO B 119 5.82 19.75 9.11
C PRO B 119 5.99 21.09 9.87
N ALA B 120 5.64 21.13 11.16
CA ALA B 120 5.65 22.36 11.94
C ALA B 120 7.04 22.66 12.46
N GLN B 121 7.93 21.69 12.40
CA GLN B 121 9.29 21.89 12.88
C GLN B 121 10.03 22.85 11.96
N GLY B 122 9.60 22.90 10.70
CA GLY B 122 10.17 23.88 9.77
C GLY B 122 11.61 23.57 9.41
N VAL B 123 11.93 22.28 9.46
CA VAL B 123 13.27 21.81 9.12
C VAL B 123 13.65 22.31 7.76
N ASP B 124 14.80 22.97 7.73
CA ASP B 124 15.36 23.38 6.45
C ASP B 124 16.88 23.29 6.36
N ASP B 125 17.51 22.57 7.29
CA ASP B 125 18.88 22.10 7.10
C ASP B 125 19.06 20.77 7.82
N VAL B 126 20.17 20.13 7.51
CA VAL B 126 20.46 18.84 8.11
C VAL B 126 20.50 18.92 9.64
N ALA B 127 21.12 19.97 10.19
CA ALA B 127 21.21 20.11 11.65
C ALA B 127 19.84 20.10 12.30
N ALA B 128 18.87 20.77 11.68
CA ALA B 128 17.53 20.82 12.29
C ALA B 128 16.86 19.43 12.27
N ALA B 129 17.04 18.68 11.19
CA ALA B 129 16.48 17.33 11.07
C ALA B 129 17.12 16.45 12.12
N ALA B 130 18.44 16.56 12.21
CA ALA B 130 19.24 15.74 13.13
C ALA B 130 18.85 15.93 14.57
N LYS B 131 18.55 17.18 14.94
CA LYS B 131 18.19 17.52 16.31
C LYS B 131 16.90 16.84 16.73
N MET B 132 16.10 16.41 15.76
CA MET B 132 14.86 15.70 16.05
C MET B 132 15.14 14.36 16.70
N LYS B 133 16.30 13.80 16.43
CA LYS B 133 16.71 12.52 16.99
C LYS B 133 17.98 12.63 17.88
N GLN B 134 18.21 13.79 18.48
CA GLN B 134 19.27 13.98 19.47
C GLN B 134 20.66 13.78 18.84
N TYR B 135 20.78 14.15 17.56
CA TYR B 135 22.05 14.07 16.85
C TYR B 135 22.52 15.47 16.61
N GLU B 136 23.68 15.80 17.16
CA GLU B 136 24.18 17.19 17.18
C GLU B 136 25.60 17.34 16.70
N ALA B 137 26.12 16.32 16.02
CA ALA B 137 27.51 16.34 15.57
C ALA B 137 27.60 16.94 14.17
N VAL B 138 26.88 18.04 13.98
CA VAL B 138 26.84 18.75 12.71
C VAL B 138 26.38 20.17 13.01
N ARG B 139 26.88 21.15 12.26
CA ARG B 139 26.49 22.54 12.52
C ARG B 139 25.34 22.97 11.62
N PRO B 140 24.56 23.96 12.06
CA PRO B 140 23.54 24.54 11.20
C PRO B 140 24.20 25.25 10.01
N ASP B 141 23.56 25.22 8.85
CA ASP B 141 24.08 25.85 7.64
C ASP B 141 24.34 27.34 7.88
N GLU B 142 23.46 28.00 8.60
CA GLU B 142 23.63 29.44 8.86
C GLU B 142 24.90 29.74 9.68
N ALA B 143 25.27 28.82 10.57
CA ALA B 143 26.47 28.98 11.38
C ALA B 143 27.73 28.95 10.53
N VAL B 144 27.67 28.18 9.46
CA VAL B 144 28.81 27.97 8.58
C VAL B 144 28.92 29.05 7.48
N TYR B 145 27.79 29.38 6.85
CA TYR B 145 27.75 30.26 5.67
C TYR B 145 27.45 31.74 6.01
N GLY B 146 26.82 31.96 7.16
CA GLY B 146 26.43 33.28 7.61
C GLY B 146 25.13 33.70 6.97
N LYS B 147 24.74 34.96 7.14
CA LYS B 147 23.45 35.40 6.61
C LYS B 147 23.47 36.80 5.97
N GLY B 148 22.52 37.00 5.07
CA GLY B 148 22.37 38.26 4.36
C GLY B 148 23.59 38.61 3.54
N ALA B 149 23.96 39.88 3.61
CA ALA B 149 25.14 40.41 2.93
C ALA B 149 26.43 39.81 3.48
N LYS B 150 26.34 39.14 4.61
CA LYS B 150 27.50 38.52 5.24
C LYS B 150 27.71 37.09 4.75
N ARG B 151 26.83 36.60 3.89
CA ARG B 151 26.84 35.18 3.46
C ARG B 151 28.00 34.86 2.52
N ALA B 152 28.70 33.75 2.80
CA ALA B 152 29.89 33.37 2.02
C ALA B 152 30.27 31.90 2.21
N VAL B 153 30.82 31.29 1.17
CA VAL B 153 31.40 29.95 1.27
C VAL B 153 32.71 30.06 2.03
N PRO B 154 32.90 29.27 3.10
CA PRO B 154 34.15 29.44 3.84
C PRO B 154 35.34 28.69 3.21
N ASP B 155 36.47 28.81 3.87
CA ASP B 155 37.74 28.25 3.45
C ASP B 155 37.56 26.74 3.29
N GLU B 156 38.30 26.14 2.35
CA GLU B 156 38.05 24.74 2.01
C GLU B 156 37.99 23.78 3.20
N PRO B 157 38.94 23.85 4.13
CA PRO B 157 38.88 22.86 5.21
C PRO B 157 37.60 22.95 6.05
N VAL B 158 37.10 24.18 6.21
CA VAL B 158 35.88 24.42 6.95
C VAL B 158 34.68 23.90 6.17
N LEU B 159 34.63 24.22 4.88
CA LEU B 159 33.59 23.69 4.00
C LEU B 159 33.57 22.17 3.97
N ALA B 160 34.75 21.59 3.81
CA ALA B 160 34.85 20.14 3.69
C ALA B 160 34.35 19.44 4.94
N GLU B 161 34.75 19.92 6.12
CA GLU B 161 34.29 19.25 7.35
C GLU B 161 32.78 19.33 7.45
N HIS B 162 32.23 20.50 7.11
CA HIS B 162 30.78 20.68 7.18
C HIS B 162 30.04 19.71 6.27
N LEU B 163 30.51 19.60 5.03
CA LEU B 163 29.80 18.70 4.09
C LEU B 163 29.90 17.24 4.52
N VAL B 164 31.08 16.84 4.99
CA VAL B 164 31.28 15.50 5.52
C VAL B 164 30.40 15.24 6.74
N ARG B 165 30.32 16.17 7.68
CA ARG B 165 29.44 16.02 8.84
C ARG B 165 27.97 15.94 8.45
N LYS B 166 27.55 16.69 7.43
CA LYS B 166 26.19 16.57 6.93
C LYS B 166 25.96 15.17 6.34
N ALA B 167 26.89 14.69 5.53
CA ALA B 167 26.75 13.36 4.95
C ALA B 167 26.76 12.28 6.05
N ALA B 168 27.67 12.39 7.00
CA ALA B 168 27.68 11.47 8.16
C ALA B 168 26.35 11.46 8.91
N ALA B 169 25.75 12.63 9.11
CA ALA B 169 24.47 12.69 9.81
C ALA B 169 23.40 11.96 9.01
N ILE B 170 23.31 12.22 7.71
CA ILE B 170 22.32 11.53 6.85
C ILE B 170 22.52 10.02 6.94
N TRP B 171 23.77 9.59 6.93
CA TRP B 171 24.11 8.18 6.94
C TRP B 171 23.58 7.53 8.21
N GLU B 172 23.73 8.21 9.33
CA GLU B 172 23.33 7.68 10.64
C GLU B 172 21.82 7.76 10.85
N LEU B 173 21.18 8.77 10.27
CA LEU B 173 19.79 9.10 10.60
C LEU B 173 18.74 8.39 9.75
N GLU B 174 19.17 7.86 8.61
CA GLU B 174 18.24 7.17 7.72
C GLU B 174 17.40 6.12 8.44
N ARG B 175 18.06 5.22 9.13
CA ARG B 175 17.35 4.10 9.79
C ARG B 175 16.34 4.62 10.85
N PRO B 176 16.72 5.51 11.79
CA PRO B 176 15.73 5.95 12.76
C PRO B 176 14.58 6.73 12.13
N PHE B 177 14.89 7.52 11.11
CA PHE B 177 13.80 8.22 10.41
C PHE B 177 12.85 7.25 9.72
N LEU B 178 13.38 6.26 9.00
CA LEU B 178 12.54 5.28 8.33
C LEU B 178 11.73 4.47 9.34
N ASP B 179 12.34 4.15 10.47
CA ASP B 179 11.61 3.40 11.51
C ASP B 179 10.42 4.17 12.05
N GLU B 180 10.59 5.48 12.27
CA GLU B 180 9.51 6.31 12.77
C GLU B 180 8.41 6.50 11.70
N LEU B 181 8.84 6.72 10.47
CA LEU B 181 7.89 6.81 9.38
C LEU B 181 7.04 5.55 9.28
N ARG B 182 7.68 4.40 9.37
CA ARG B 182 6.93 3.12 9.42
C ARG B 182 5.88 3.09 10.54
N ARG B 183 6.29 3.47 11.74
CA ARG B 183 5.40 3.52 12.89
C ARG B 183 4.18 4.41 12.62
N ASN B 184 4.42 5.49 11.89
CA ASN B 184 3.40 6.50 11.60
C ASN B 184 2.52 6.14 10.39
N GLU B 185 2.82 5.02 9.74
CA GLU B 185 2.17 4.66 8.47
C GLU B 185 2.53 5.61 7.35
N GLN B 186 3.76 6.15 7.38
CA GLN B 186 4.22 7.11 6.41
C GLN B 186 5.38 6.59 5.56
N ASP B 187 5.72 5.31 5.70
CA ASP B 187 6.81 4.73 4.89
C ASP B 187 6.54 4.83 3.38
N ARG B 188 5.32 4.54 2.94
CA ARG B 188 5.03 4.65 1.52
C ARG B 188 4.81 6.08 1.12
N LEU B 189 4.32 6.87 2.05
CA LEU B 189 4.14 8.29 1.75
C LEU B 189 5.49 8.92 1.36
N LEU B 190 6.56 8.53 2.04
CA LEU B 190 7.90 8.99 1.67
C LEU B 190 8.37 8.35 0.37
N VAL B 191 8.43 7.03 0.34
CA VAL B 191 9.11 6.32 -0.75
C VAL B 191 8.34 6.18 -2.06
N GLU B 192 7.01 6.10 -1.98
CA GLU B 192 6.17 5.96 -3.16
C GLU B 192 5.46 7.23 -3.57
N LEU B 193 5.47 8.27 -2.72
CA LEU B 193 4.83 9.53 -3.08
C LEU B 193 5.79 10.70 -3.12
N GLU B 194 6.31 11.08 -1.96
CA GLU B 194 7.11 12.35 -1.96
C GLU B 194 8.42 12.23 -2.73
N GLN B 195 9.15 11.14 -2.55
CA GLN B 195 10.43 10.98 -3.24
C GLN B 195 10.28 10.92 -4.76
N PRO B 196 9.37 10.07 -5.28
CA PRO B 196 9.13 10.13 -6.73
C PRO B 196 8.66 11.49 -7.23
N LEU B 197 7.81 12.16 -6.45
CA LEU B 197 7.35 13.49 -6.80
C LEU B 197 8.52 14.48 -6.89
N SER B 198 9.49 14.37 -5.99
CA SER B 198 10.66 15.27 -5.97
C SER B 198 11.37 15.24 -7.32
N SER B 199 11.51 14.05 -7.89
CA SER B 199 12.12 13.92 -9.22
C SER B 199 11.33 14.57 -10.32
N ILE B 200 10.02 14.44 -10.26
CA ILE B 200 9.11 15.02 -11.23
C ILE B 200 9.17 16.56 -11.13
N LEU B 201 9.12 17.08 -9.90
CA LEU B 201 9.25 18.54 -9.67
C LEU B 201 10.57 19.03 -10.22
N ALA B 202 11.63 18.25 -10.04
CA ALA B 202 12.96 18.64 -10.56
C ALA B 202 12.92 18.82 -12.07
N GLU B 203 12.29 17.89 -12.77
CA GLU B 203 12.14 17.98 -14.23
C GLU B 203 11.31 19.21 -14.61
N MET B 204 10.22 19.43 -13.89
CA MET B 204 9.33 20.56 -14.19
C MET B 204 10.07 21.90 -14.05
N GLU B 205 10.73 22.05 -12.92
CA GLU B 205 11.49 23.27 -12.60
C GLU B 205 12.56 23.50 -13.66
N PHE B 206 13.30 22.45 -14.01
CA PHE B 206 14.38 22.63 -14.98
C PHE B 206 13.87 22.91 -16.40
N ALA B 207 12.74 22.27 -16.79
CA ALA B 207 12.13 22.56 -18.08
C ALA B 207 11.77 24.01 -18.18
N GLY B 208 11.18 24.53 -17.11
CA GLY B 208 10.69 25.90 -17.10
C GLY B 208 9.47 26.11 -17.98
N VAL B 209 8.98 27.35 -18.01
CA VAL B 209 7.87 27.75 -18.84
C VAL B 209 8.33 28.91 -19.68
N LYS B 210 8.10 28.82 -21.00
CA LYS B 210 8.42 29.89 -21.93
C LYS B 210 7.44 31.04 -21.83
N VAL B 211 8.00 32.24 -21.86
CA VAL B 211 7.24 33.47 -21.73
C VAL B 211 7.42 34.33 -23.00
N ASP B 212 6.32 34.88 -23.47
CA ASP B 212 6.31 35.82 -24.56
C ASP B 212 6.58 37.20 -23.96
N THR B 213 7.85 37.62 -23.94
CA THR B 213 8.17 38.87 -23.25
C THR B 213 7.72 40.10 -24.03
N LYS B 214 7.68 39.99 -25.35
CA LYS B 214 7.21 41.12 -26.15
C LYS B 214 5.75 41.40 -25.84
N ARG B 215 4.97 40.36 -25.66
CA ARG B 215 3.59 40.54 -25.22
C ARG B 215 3.51 41.12 -23.81
N LEU B 216 4.37 40.68 -22.89
CA LEU B 216 4.38 41.28 -21.56
C LEU B 216 4.85 42.73 -21.60
N GLU B 217 5.88 42.98 -22.42
CA GLU B 217 6.55 44.31 -22.44
C GLU B 217 5.56 45.27 -23.03
N GLN B 218 4.76 44.77 -23.97
CA GLN B 218 3.70 45.57 -24.54
C GLN B 218 2.63 45.77 -23.50
N MET B 219 2.23 44.72 -22.80
CA MET B 219 1.18 44.86 -21.78
C MET B 219 1.59 45.84 -20.70
N GLY B 220 2.89 45.88 -20.44
CA GLY B 220 3.46 46.76 -19.43
C GLY B 220 3.47 48.23 -19.83
N LYS B 221 3.90 48.54 -21.05
CA LYS B 221 3.93 49.95 -21.43
C LYS B 221 2.51 50.49 -21.54
N GLU B 222 1.60 49.64 -22.01
CA GLU B 222 0.19 49.97 -22.04
C GLU B 222 -0.30 50.22 -20.64
N LEU B 223 -0.02 49.28 -19.74
CA LEU B 223 -0.52 49.36 -18.38
C LEU B 223 -0.10 50.66 -17.70
N ALA B 224 1.09 51.14 -18.03
CA ALA B 224 1.57 52.41 -17.47
C ALA B 224 0.82 53.60 -18.09
N GLU B 225 -0.18 53.31 -18.92
CA GLU B 225 -1.05 54.36 -19.47
C GLU B 225 -2.31 54.40 -18.66
N GLN B 226 -2.92 53.24 -18.47
CA GLN B 226 -4.20 53.09 -17.81
C GLN B 226 -4.07 53.37 -16.32
N LEU B 227 -2.85 53.21 -15.81
CA LEU B 227 -2.57 53.43 -14.40
C LEU B 227 -2.45 54.94 -14.17
N GLY B 228 -1.72 55.61 -15.05
CA GLY B 228 -1.52 57.04 -14.95
C GLY B 228 -2.82 57.81 -14.93
N THR B 229 -3.77 57.39 -15.75
CA THR B 229 -5.04 58.10 -15.87
C THR B 229 -5.98 57.73 -14.73
N VAL B 230 -5.85 56.51 -14.23
CA VAL B 230 -6.67 56.09 -13.10
C VAL B 230 -6.19 56.83 -11.83
N GLU B 231 -4.89 57.03 -11.76
CA GLU B 231 -4.26 57.74 -10.67
C GLU B 231 -4.75 59.19 -10.67
N GLN B 232 -4.76 59.81 -11.84
CA GLN B 232 -5.18 61.21 -11.96
C GLN B 232 -6.63 61.40 -11.55
N ARG B 233 -7.49 60.45 -11.91
CA ARG B 233 -8.88 60.51 -11.53
C ARG B 233 -9.03 60.41 -10.01
N ILE B 234 -8.22 59.58 -9.39
CA ILE B 234 -8.27 59.46 -7.94
C ILE B 234 -7.88 60.81 -7.28
N TYR B 235 -6.86 61.48 -7.80
CA TYR B 235 -6.41 62.73 -7.19
C TYR B 235 -7.52 63.77 -7.32
N GLU B 236 -8.15 63.77 -8.48
CA GLU B 236 -9.27 64.66 -8.74
C GLU B 236 -10.39 64.46 -7.73
N LEU B 237 -10.81 63.23 -7.51
CA LEU B 237 -11.86 62.93 -6.54
C LEU B 237 -11.46 63.25 -5.11
N ALA B 238 -10.19 63.05 -4.79
CA ALA B 238 -9.71 63.25 -3.43
C ALA B 238 -9.47 64.75 -3.18
N GLY B 239 -9.28 65.49 -4.28
CA GLY B 239 -8.95 66.91 -4.20
C GLY B 239 -7.50 67.17 -3.86
N GLN B 240 -6.65 66.15 -4.03
CA GLN B 240 -5.30 66.18 -3.50
C GLN B 240 -4.52 65.01 -4.09
N GLU B 241 -3.24 65.24 -4.37
CA GLU B 241 -2.34 64.15 -4.72
C GLU B 241 -1.84 63.50 -3.46
N PHE B 242 -1.76 62.17 -3.48
CA PHE B 242 -1.24 61.42 -2.37
C PHE B 242 -0.77 60.08 -2.90
N ASN B 243 -0.09 59.33 -2.06
CA ASN B 243 0.38 58.00 -2.44
C ASN B 243 -0.69 56.97 -2.20
N ILE B 244 -1.32 56.52 -3.29
CA ILE B 244 -2.44 55.59 -3.19
C ILE B 244 -2.00 54.23 -2.65
N ASN B 245 -0.76 53.84 -2.93
CA ASN B 245 -0.23 52.56 -2.48
C ASN B 245 0.31 52.60 -1.05
N SER B 246 -0.03 53.66 -0.34
CA SER B 246 0.30 53.75 1.07
C SER B 246 -0.98 53.70 1.87
N PRO B 247 -1.28 52.56 2.48
CA PRO B 247 -2.50 52.51 3.29
C PRO B 247 -2.56 53.58 4.37
N LYS B 248 -1.41 53.99 4.87
CA LYS B 248 -1.34 55.12 5.81
C LYS B 248 -1.83 56.44 5.21
N GLN B 249 -1.26 56.84 4.08
CA GLN B 249 -1.70 58.08 3.44
C GLN B 249 -3.16 57.98 2.99
N LEU B 250 -3.53 56.81 2.48
CA LEU B 250 -4.87 56.61 1.97
C LEU B 250 -5.88 56.74 3.08
N GLY B 251 -5.54 56.20 4.24
CA GLY B 251 -6.43 56.26 5.39
C GLY B 251 -6.71 57.68 5.79
N VAL B 252 -5.69 58.52 5.74
CA VAL B 252 -5.90 59.91 6.07
C VAL B 252 -6.88 60.53 5.07
N ILE B 253 -6.70 60.21 3.79
CA ILE B 253 -7.57 60.78 2.77
C ILE B 253 -8.99 60.33 3.02
N LEU B 254 -9.20 59.04 3.25
CA LEU B 254 -10.56 58.50 3.32
C LEU B 254 -11.26 58.86 4.62
N PHE B 255 -10.55 58.75 5.73
CA PHE B 255 -11.18 58.86 7.04
C PHE B 255 -10.98 60.18 7.75
N GLU B 256 -10.00 60.96 7.30
CA GLU B 256 -9.84 62.31 7.84
C GLU B 256 -10.31 63.37 6.84
N LYS B 257 -9.74 63.40 5.64
CA LYS B 257 -10.13 64.44 4.67
C LYS B 257 -11.59 64.26 4.21
N LEU B 258 -11.91 63.06 3.72
CA LEU B 258 -13.25 62.81 3.18
C LEU B 258 -14.26 62.40 4.26
N GLN B 259 -13.76 62.19 5.48
CA GLN B 259 -14.60 61.84 6.63
C GLN B 259 -15.57 60.66 6.37
N LEU B 260 -15.06 59.61 5.75
CA LEU B 260 -15.84 58.39 5.58
C LEU B 260 -15.87 57.64 6.90
N PRO B 261 -16.88 56.79 7.10
CA PRO B 261 -16.94 56.05 8.36
C PRO B 261 -15.79 55.04 8.53
N VAL B 262 -15.34 54.88 9.77
CA VAL B 262 -14.28 53.95 10.10
C VAL B 262 -14.92 52.63 10.51
N LEU B 263 -14.79 51.62 9.66
CA LEU B 263 -15.45 50.35 9.89
C LEU B 263 -14.54 49.36 10.63
N LYS B 264 -13.24 49.59 10.58
CA LYS B 264 -12.28 48.63 11.08
C LYS B 264 -10.93 49.30 11.27
N LYS B 265 -10.21 48.89 12.31
CA LYS B 265 -8.89 49.40 12.59
C LYS B 265 -7.99 48.19 12.75
N THR B 266 -6.70 48.37 12.44
CA THR B 266 -5.69 47.38 12.77
C THR B 266 -4.76 48.03 13.76
N LYS B 267 -3.72 47.33 14.22
CA LYS B 267 -2.82 47.92 15.18
C LYS B 267 -2.08 49.14 14.61
N THR B 268 -1.96 49.23 13.28
CA THR B 268 -1.25 50.38 12.71
C THR B 268 -2.12 51.60 12.39
N GLY B 269 -3.44 51.43 12.26
CA GLY B 269 -4.28 52.58 11.96
C GLY B 269 -5.56 52.11 11.28
N TYR B 270 -6.18 53.00 10.51
CA TYR B 270 -7.40 52.64 9.78
C TYR B 270 -7.17 51.53 8.75
N SER B 271 -8.08 50.57 8.71
CA SER B 271 -8.05 49.55 7.67
C SER B 271 -8.49 50.14 6.33
N THR B 272 -7.78 49.79 5.27
CA THR B 272 -8.22 50.13 3.92
C THR B 272 -8.31 48.85 3.07
N SER B 273 -8.70 47.75 3.72
CA SER B 273 -8.76 46.46 3.08
C SER B 273 -9.80 46.48 1.97
N ALA B 274 -9.66 45.59 1.00
CA ALA B 274 -10.65 45.55 -0.09
C ALA B 274 -12.07 45.35 0.42
N ASP B 275 -12.23 44.50 1.44
CA ASP B 275 -13.57 44.29 2.01
C ASP B 275 -14.14 45.57 2.64
N VAL B 276 -13.31 46.30 3.38
CA VAL B 276 -13.70 47.59 3.92
C VAL B 276 -14.09 48.55 2.82
N LEU B 277 -13.24 48.69 1.80
CA LEU B 277 -13.50 49.67 0.76
C LEU B 277 -14.80 49.30 0.03
N GLU B 278 -15.01 48.01 -0.20
CA GLU B 278 -16.22 47.60 -0.89
C GLU B 278 -17.45 48.05 -0.12
N LYS B 279 -17.37 47.99 1.22
CA LYS B 279 -18.47 48.41 2.06
C LYS B 279 -18.65 49.94 2.12
N LEU B 280 -17.60 50.67 1.80
CA LEU B 280 -17.66 52.12 1.79
C LEU B 280 -18.11 52.67 0.43
N ALA B 281 -18.35 51.79 -0.54
CA ALA B 281 -18.70 52.25 -1.87
C ALA B 281 -19.95 53.16 -1.92
N PRO B 282 -20.92 52.98 -1.00
CA PRO B 282 -22.09 53.86 -1.05
C PRO B 282 -21.84 55.30 -0.58
N TYR B 283 -20.66 55.57 -0.03
CA TYR B 283 -20.36 56.88 0.51
C TYR B 283 -19.57 57.76 -0.45
N HIS B 284 -18.76 57.14 -1.30
CA HIS B 284 -17.90 57.93 -2.16
C HIS B 284 -17.33 57.11 -3.31
N GLU B 285 -17.47 57.66 -4.51
CA GLU B 285 -17.06 57.03 -5.77
C GLU B 285 -15.59 56.63 -5.83
N ILE B 286 -14.76 57.42 -5.16
CA ILE B 286 -13.30 57.19 -5.14
C ILE B 286 -12.90 55.79 -4.68
N VAL B 287 -13.69 55.20 -3.80
CA VAL B 287 -13.42 53.86 -3.29
C VAL B 287 -13.25 52.82 -4.40
N GLU B 288 -14.13 52.83 -5.39
CA GLU B 288 -14.06 51.89 -6.49
C GLU B 288 -12.84 52.12 -7.36
N ASN B 289 -12.52 53.39 -7.59
CA ASN B 289 -11.35 53.76 -8.39
C ASN B 289 -10.06 53.30 -7.71
N ILE B 290 -9.99 53.49 -6.40
CA ILE B 290 -8.85 52.98 -5.62
C ILE B 290 -8.70 51.44 -5.69
N LEU B 291 -9.81 50.71 -5.57
CA LEU B 291 -9.74 49.25 -5.67
C LEU B 291 -9.18 48.86 -7.04
N HIS B 292 -9.67 49.54 -8.08
CA HIS B 292 -9.18 49.28 -9.45
C HIS B 292 -7.70 49.60 -9.60
N TYR B 293 -7.31 50.79 -9.13
CA TYR B 293 -5.93 51.19 -9.14
C TYR B 293 -5.02 50.16 -8.48
N ARG B 294 -5.39 49.64 -7.31
CA ARG B 294 -4.46 48.74 -6.62
C ARG B 294 -4.35 47.37 -7.32
N GLN B 295 -5.42 46.97 -7.95
CA GLN B 295 -5.35 45.77 -8.80
C GLN B 295 -4.39 45.98 -9.95
N LEU B 296 -4.55 47.09 -10.69
CA LEU B 296 -3.69 47.31 -11.81
C LEU B 296 -2.25 47.43 -11.38
N GLY B 297 -2.03 48.07 -10.23
CA GLY B 297 -0.68 48.30 -9.76
C GLY B 297 0.00 47.00 -9.45
N LYS B 298 -0.77 46.06 -8.91
CA LYS B 298 -0.26 44.71 -8.63
C LYS B 298 0.08 43.95 -9.92
N LEU B 299 -0.76 44.09 -10.95
CA LEU B 299 -0.47 43.49 -12.26
C LEU B 299 0.84 44.04 -12.79
N GLN B 300 1.02 45.36 -12.69
CA GLN B 300 2.25 45.99 -13.21
C GLN B 300 3.48 45.56 -12.40
N SER B 301 3.40 45.63 -11.07
CA SER B 301 4.59 45.47 -10.26
C SER B 301 5.05 44.02 -10.21
N THR B 302 4.07 43.14 -10.21
CA THR B 302 4.32 41.73 -9.92
C THR B 302 4.25 40.86 -11.15
N TYR B 303 3.19 40.98 -11.92
CA TYR B 303 3.01 40.07 -13.04
C TYR B 303 3.54 40.57 -14.38
N ILE B 304 3.99 41.81 -14.42
CA ILE B 304 4.70 42.29 -15.59
C ILE B 304 6.16 42.52 -15.21
N GLU B 305 6.42 43.55 -14.43
CA GLU B 305 7.82 43.86 -14.04
C GLU B 305 8.52 42.74 -13.29
N GLY B 306 7.89 42.20 -12.24
CA GLY B 306 8.49 41.12 -11.49
C GLY B 306 8.76 39.87 -12.31
N LEU B 307 7.84 39.54 -13.20
CA LEU B 307 8.03 38.38 -14.07
C LEU B 307 9.14 38.62 -15.10
N LEU B 308 9.13 39.79 -15.75
CA LEU B 308 10.18 40.11 -16.69
C LEU B 308 11.59 40.08 -16.05
N LYS B 309 11.69 40.43 -14.78
CA LYS B 309 12.97 40.39 -14.06
C LYS B 309 13.58 39.00 -13.94
N VAL B 310 12.73 37.97 -13.91
CA VAL B 310 13.21 36.61 -13.68
C VAL B 310 13.27 35.76 -14.95
N VAL B 311 12.83 36.28 -16.09
CA VAL B 311 12.87 35.51 -17.34
C VAL B 311 14.33 35.40 -17.77
N ARG B 312 14.76 34.22 -18.16
CA ARG B 312 16.14 34.09 -18.64
C ARG B 312 16.20 34.61 -20.06
N PRO B 313 17.12 35.54 -20.37
CA PRO B 313 16.98 36.23 -21.65
C PRO B 313 17.24 35.39 -22.90
N ALA B 314 18.03 34.33 -22.83
CA ALA B 314 18.38 33.62 -24.04
C ALA B 314 17.36 32.54 -24.41
N THR B 315 16.67 32.00 -23.44
CA THR B 315 15.67 30.98 -23.70
C THR B 315 14.25 31.50 -23.48
N LYS B 316 14.13 32.65 -22.83
CA LYS B 316 12.85 33.26 -22.50
C LYS B 316 12.02 32.39 -21.55
N LYS B 317 12.67 31.56 -20.75
CA LYS B 317 11.97 30.74 -19.79
C LYS B 317 12.05 31.29 -18.39
N VAL B 318 11.03 31.00 -17.61
N VAL B 318 11.04 30.94 -17.62
CA VAL B 318 11.05 31.20 -16.19
CA VAL B 318 11.06 31.17 -16.21
C VAL B 318 11.06 29.83 -15.48
C VAL B 318 11.07 29.81 -15.49
N HIS B 319 11.87 29.76 -14.44
CA HIS B 319 12.10 28.51 -13.71
C HIS B 319 11.76 28.74 -12.24
N THR B 320 10.56 28.37 -11.84
CA THR B 320 10.14 28.46 -10.46
C THR B 320 10.84 27.38 -9.64
N ILE B 321 10.67 27.48 -8.32
CA ILE B 321 11.05 26.42 -7.38
C ILE B 321 9.79 26.07 -6.61
N PHE B 322 9.40 24.80 -6.70
CA PHE B 322 8.29 24.28 -5.90
C PHE B 322 8.85 23.83 -4.56
N ASN B 323 8.54 24.57 -3.50
CA ASN B 323 8.91 24.14 -2.17
C ASN B 323 8.00 22.98 -1.75
N GLN B 324 8.58 21.79 -1.64
CA GLN B 324 7.86 20.58 -1.29
C GLN B 324 7.85 20.27 0.23
N ALA B 325 8.54 21.07 1.02
CA ALA B 325 8.68 20.80 2.46
C ALA B 325 8.38 22.04 3.31
N LEU B 326 7.29 22.72 2.98
CA LEU B 326 6.94 23.99 3.63
CA LEU B 326 6.94 23.99 3.62
C LEU B 326 5.53 23.99 4.24
N THR B 327 4.51 23.67 3.45
CA THR B 327 3.15 23.91 3.91
C THR B 327 2.73 22.91 4.99
N GLN B 328 1.79 23.34 5.81
CA GLN B 328 1.38 22.50 6.95
C GLN B 328 0.35 21.47 6.58
N THR B 329 -0.19 21.56 5.37
CA THR B 329 -1.20 20.64 4.89
C THR B 329 -0.72 19.63 3.84
N GLY B 330 0.49 19.80 3.30
CA GLY B 330 1.03 18.90 2.29
C GLY B 330 0.92 19.46 0.87
N ARG B 331 0.35 20.66 0.72
CA ARG B 331 0.46 21.36 -0.55
C ARG B 331 1.92 21.71 -0.86
N LEU B 332 2.19 21.97 -2.16
CA LEU B 332 3.41 22.63 -2.59
C LEU B 332 3.25 24.13 -2.38
N SER B 333 4.35 24.88 -2.39
CA SER B 333 4.30 26.29 -2.69
C SER B 333 5.29 26.55 -3.83
N SER B 334 5.24 27.74 -4.36
CA SER B 334 6.02 28.13 -5.55
C SER B 334 6.62 29.50 -5.32
N THR B 335 7.90 29.65 -5.66
CA THR B 335 8.63 30.89 -5.41
C THR B 335 9.55 31.31 -6.56
N GLU B 336 9.73 32.61 -6.68
CA GLU B 336 10.75 33.23 -7.54
C GLU B 336 10.78 32.73 -8.99
N PRO B 337 9.70 32.91 -9.74
CA PRO B 337 8.47 33.55 -9.31
C PRO B 337 7.45 32.54 -8.80
N ASN B 338 6.43 33.02 -8.12
CA ASN B 338 5.27 32.21 -7.81
C ASN B 338 4.40 32.06 -9.07
N LEU B 339 4.28 30.83 -9.56
CA LEU B 339 3.49 30.52 -10.72
C LEU B 339 2.18 29.86 -10.33
N GLN B 340 1.88 29.86 -9.04
CA GLN B 340 0.62 29.31 -8.54
C GLN B 340 -0.39 30.42 -8.17
N ASN B 341 -0.04 31.69 -8.42
CA ASN B 341 -0.99 32.78 -8.20
C ASN B 341 -1.09 33.75 -9.38
N ILE B 342 -0.98 33.21 -10.59
CA ILE B 342 -1.12 34.02 -11.79
C ILE B 342 -2.60 34.39 -11.94
N PRO B 343 -2.89 35.66 -12.28
CA PRO B 343 -4.31 36.07 -12.28
C PRO B 343 -5.23 35.28 -13.19
N ILE B 344 -6.46 35.13 -12.74
CA ILE B 344 -7.49 34.52 -13.54
C ILE B 344 -8.88 35.13 -13.39
N ARG B 345 -9.16 35.78 -12.27
CA ARG B 345 -10.56 36.11 -11.98
C ARG B 345 -11.06 37.31 -12.79
N LEU B 346 -10.22 38.32 -12.98
CA LEU B 346 -10.61 39.51 -13.71
C LEU B 346 -9.94 39.48 -15.07
N GLU B 347 -10.66 39.85 -16.11
CA GLU B 347 -10.14 39.69 -17.45
C GLU B 347 -8.81 40.42 -17.67
N GLU B 348 -8.67 41.65 -17.13
CA GLU B 348 -7.43 42.41 -17.31
C GLU B 348 -6.23 41.62 -16.85
N GLY B 349 -6.37 40.94 -15.72
CA GLY B 349 -5.30 40.17 -15.14
C GLY B 349 -5.12 38.84 -15.86
N ARG B 350 -6.23 38.20 -16.15
CA ARG B 350 -6.21 36.90 -16.82
C ARG B 350 -5.41 36.96 -18.13
N LYS B 351 -5.38 38.13 -18.77
CA LYS B 351 -4.66 38.27 -20.05
C LYS B 351 -3.14 38.03 -19.88
N ILE B 352 -2.63 38.16 -18.67
CA ILE B 352 -1.24 37.86 -18.36
C ILE B 352 -0.91 36.45 -18.87
N ARG B 353 -1.89 35.55 -18.81
CA ARG B 353 -1.68 34.17 -19.21
C ARG B 353 -1.45 33.99 -20.70
N GLN B 354 -1.73 35.01 -21.50
CA GLN B 354 -1.45 34.99 -22.93
C GLN B 354 0.06 34.98 -23.17
N ALA B 355 0.82 35.39 -22.16
CA ALA B 355 2.28 35.45 -22.25
C ALA B 355 2.97 34.15 -21.87
N PHE B 356 2.20 33.16 -21.40
CA PHE B 356 2.76 31.85 -21.04
C PHE B 356 2.49 30.93 -22.22
N VAL B 357 3.56 30.53 -22.91
CA VAL B 357 3.47 29.92 -24.22
C VAL B 357 4.20 28.58 -24.25
N PRO B 358 3.89 27.72 -25.23
CA PRO B 358 4.64 26.46 -25.29
C PRO B 358 6.10 26.69 -25.65
N SER B 359 6.96 25.73 -25.31
CA SER B 359 8.40 25.94 -25.47
C SER B 359 8.90 25.70 -26.89
N GLU B 360 8.05 25.10 -27.74
CA GLU B 360 8.30 24.88 -29.17
C GLU B 360 7.08 25.31 -29.99
N SER B 361 7.28 25.76 -31.23
CA SER B 361 6.22 26.44 -32.01
C SER B 361 4.92 25.64 -32.35
N ASP B 362 5.10 24.36 -32.56
CA ASP B 362 4.02 23.45 -32.95
C ASP B 362 3.57 22.64 -31.74
N TRP B 363 3.83 23.20 -30.56
CA TRP B 363 3.28 22.64 -29.34
C TRP B 363 2.14 23.49 -28.82
N LEU B 364 1.41 22.92 -27.84
CA LEU B 364 0.26 23.55 -27.20
C LEU B 364 0.30 23.37 -25.70
N ILE B 365 -0.40 24.25 -24.99
CA ILE B 365 -0.58 24.12 -23.54
C ILE B 365 -1.86 23.33 -23.26
N PHE B 366 -1.81 22.38 -22.32
CA PHE B 366 -2.95 21.52 -21.96
C PHE B 366 -3.10 21.66 -20.45
N ALA B 367 -4.29 22.03 -19.98
CA ALA B 367 -4.54 22.21 -18.56
C ALA B 367 -5.69 21.37 -18.11
N ALA B 368 -5.55 20.71 -16.99
CA ALA B 368 -6.60 19.83 -16.46
C ALA B 368 -6.75 20.09 -14.97
N ASP B 369 -8.01 20.25 -14.54
CA ASP B 369 -8.24 20.61 -13.17
C ASP B 369 -9.32 19.72 -12.54
N TYR B 370 -9.15 19.40 -11.27
CA TYR B 370 -10.17 18.67 -10.55
C TYR B 370 -11.35 19.60 -10.25
N SER B 371 -12.56 19.17 -10.54
CA SER B 371 -13.72 19.96 -10.17
C SER B 371 -14.10 19.77 -8.69
N GLN B 372 -14.04 20.86 -7.92
CA GLN B 372 -14.55 20.88 -6.55
C GLN B 372 -13.93 19.80 -5.69
N ILE B 373 -12.63 19.58 -5.85
CA ILE B 373 -12.01 18.39 -5.22
C ILE B 373 -12.13 18.42 -3.71
N GLU B 374 -11.91 19.55 -3.04
CA GLU B 374 -11.95 19.56 -1.56
C GLU B 374 -13.33 19.18 -1.05
N LEU B 375 -14.38 19.61 -1.75
CA LEU B 375 -15.74 19.27 -1.32
C LEU B 375 -16.08 17.79 -1.60
N ARG B 376 -15.54 17.24 -2.68
CA ARG B 376 -15.66 15.79 -2.94
C ARG B 376 -14.93 14.97 -1.87
N VAL B 377 -13.74 15.44 -1.48
CA VAL B 377 -13.00 14.84 -0.35
C VAL B 377 -13.82 14.93 0.94
N LEU B 378 -14.41 16.09 1.20
CA LEU B 378 -15.27 16.24 2.37
C LEU B 378 -16.40 15.20 2.33
N ALA B 379 -16.99 15.02 1.16
CA ALA B 379 -18.12 14.06 1.04
C ALA B 379 -17.65 12.67 1.42
N HIS B 380 -16.48 12.31 0.92
CA HIS B 380 -15.86 11.02 1.20
C HIS B 380 -15.52 10.83 2.69
N ILE B 381 -14.82 11.77 3.29
CA ILE B 381 -14.39 11.64 4.66
C ILE B 381 -15.54 11.70 5.63
N ALA B 382 -16.46 12.63 5.42
CA ALA B 382 -17.60 12.78 6.31
C ALA B 382 -18.65 11.68 6.12
N GLU B 383 -18.66 11.05 4.95
CA GLU B 383 -19.71 10.11 4.58
C GLU B 383 -21.09 10.72 4.81
N ASP B 384 -21.28 11.95 4.35
CA ASP B 384 -22.57 12.57 4.39
C ASP B 384 -23.40 12.07 3.23
N ASP B 385 -24.54 11.44 3.50
CA ASP B 385 -25.31 10.82 2.42
C ASP B 385 -25.73 11.83 1.37
N ASN B 386 -26.20 12.99 1.78
CA ASN B 386 -26.64 14.00 0.80
C ASN B 386 -25.51 14.58 -0.04
N LEU B 387 -24.36 14.86 0.57
CA LEU B 387 -23.22 15.34 -0.18
C LEU B 387 -22.73 14.26 -1.16
N MET B 388 -22.65 13.02 -0.69
CA MET B 388 -22.20 11.95 -1.57
C MET B 388 -23.15 11.75 -2.75
N GLU B 389 -24.46 11.83 -2.50
CA GLU B 389 -25.47 11.70 -3.56
C GLU B 389 -25.29 12.82 -4.56
N ALA B 390 -25.05 14.02 -4.04
CA ALA B 390 -24.89 15.17 -4.95
C ALA B 390 -23.74 14.94 -5.90
N PHE B 391 -22.60 14.51 -5.39
CA PHE B 391 -21.46 14.31 -6.26
C PHE B 391 -21.63 13.08 -7.16
N ARG B 392 -22.32 12.05 -6.68
CA ARG B 392 -22.63 10.89 -7.55
C ARG B 392 -23.49 11.28 -8.74
N ARG B 393 -24.32 12.30 -8.57
CA ARG B 393 -25.11 12.88 -9.66
C ARG B 393 -24.30 13.90 -10.49
N ASP B 394 -23.04 14.11 -10.12
CA ASP B 394 -22.14 15.12 -10.71
C ASP B 394 -22.78 16.49 -10.72
N LEU B 395 -23.43 16.82 -9.60
CA LEU B 395 -23.97 18.17 -9.43
C LEU B 395 -22.85 19.19 -9.22
N ASP B 396 -23.14 20.41 -9.69
CA ASP B 396 -22.37 21.61 -9.29
C ASP B 396 -22.79 21.88 -7.84
N ILE B 397 -21.88 21.63 -6.92
CA ILE B 397 -22.26 21.65 -5.51
C ILE B 397 -22.59 23.05 -5.04
N HIS B 398 -22.10 24.07 -5.72
CA HIS B 398 -22.43 25.43 -5.27
C HIS B 398 -23.86 25.77 -5.64
N THR B 399 -24.29 25.28 -6.80
CA THR B 399 -25.68 25.46 -7.19
C THR B 399 -26.61 24.65 -6.29
N LYS B 400 -26.19 23.45 -5.92
CA LYS B 400 -27.00 22.62 -5.01
C LYS B 400 -27.15 23.25 -3.63
N THR B 401 -26.05 23.73 -3.06
CA THR B 401 -26.13 24.41 -1.77
C THR B 401 -26.99 25.68 -1.87
N ALA B 402 -26.84 26.44 -2.96
CA ALA B 402 -27.67 27.62 -3.17
C ALA B 402 -29.15 27.25 -3.13
N MET B 403 -29.51 26.20 -3.84
CA MET B 403 -30.90 25.76 -3.85
C MET B 403 -31.40 25.46 -2.44
N ASP B 404 -30.59 24.77 -1.64
CA ASP B 404 -30.96 24.46 -0.26
C ASP B 404 -30.98 25.70 0.68
N ILE B 405 -29.95 26.52 0.67
CA ILE B 405 -29.94 27.67 1.60
C ILE B 405 -30.89 28.81 1.20
N PHE B 406 -31.16 28.98 -0.10
CA PHE B 406 -32.16 29.96 -0.54
C PHE B 406 -33.55 29.35 -0.72
N GLN B 407 -33.62 28.03 -0.65
CA GLN B 407 -34.86 27.31 -0.91
C GLN B 407 -35.53 27.72 -2.23
N VAL B 408 -34.77 27.59 -3.31
CA VAL B 408 -35.22 27.91 -4.66
C VAL B 408 -34.84 26.78 -5.64
N SER B 409 -35.43 26.84 -6.83
CA SER B 409 -35.16 25.85 -7.88
CA SER B 409 -35.17 25.85 -7.87
C SER B 409 -33.85 26.16 -8.57
N GLU B 410 -33.32 25.18 -9.28
CA GLU B 410 -32.06 25.37 -9.98
C GLU B 410 -32.07 26.58 -10.92
N ASP B 411 -33.23 26.84 -11.53
CA ASP B 411 -33.32 27.90 -12.52
C ASP B 411 -33.30 29.29 -11.87
N GLU B 412 -33.66 29.32 -10.58
CA GLU B 412 -33.72 30.56 -9.80
C GLU B 412 -32.36 30.98 -9.21
N VAL B 413 -31.34 30.15 -9.36
CA VAL B 413 -30.06 30.47 -8.76
C VAL B 413 -29.27 31.42 -9.65
N THR B 414 -29.17 32.66 -9.18
CA THR B 414 -28.37 33.68 -9.84
C THR B 414 -26.86 33.49 -9.58
N PRO B 415 -26.03 34.09 -10.43
CA PRO B 415 -24.58 33.99 -10.22
C PRO B 415 -24.15 34.52 -8.85
N ASN B 416 -24.90 35.50 -8.32
CA ASN B 416 -24.60 36.03 -6.99
C ASN B 416 -24.97 35.03 -5.89
N MET B 417 -26.13 34.41 -6.02
CA MET B 417 -26.53 33.33 -5.12
C MET B 417 -25.51 32.20 -5.15
N ARG B 418 -25.00 31.82 -6.32
CA ARG B 418 -24.02 30.74 -6.37
C ARG B 418 -22.74 31.16 -5.67
N ARG B 419 -22.32 32.40 -5.87
CA ARG B 419 -21.11 32.87 -5.21
C ARG B 419 -21.26 32.84 -3.69
N GLN B 420 -22.45 33.15 -3.23
CA GLN B 420 -22.71 33.16 -1.80
C GLN B 420 -22.66 31.73 -1.27
N ALA B 421 -23.30 30.82 -2.00
CA ALA B 421 -23.29 29.39 -1.63
C ALA B 421 -21.90 28.80 -1.67
N LYS B 422 -21.07 29.25 -2.62
CA LYS B 422 -19.69 28.82 -2.70
C LYS B 422 -18.92 29.18 -1.41
N ALA B 423 -19.12 30.42 -0.96
CA ALA B 423 -18.54 30.89 0.28
C ALA B 423 -19.03 30.09 1.49
N VAL B 424 -20.31 29.75 1.50
CA VAL B 424 -20.85 28.83 2.54
C VAL B 424 -20.19 27.46 2.43
N ASN B 425 -20.15 26.91 1.22
CA ASN B 425 -19.56 25.58 1.01
C ASN B 425 -18.12 25.43 1.51
N TYR B 426 -17.25 26.40 1.26
CA TYR B 426 -15.86 26.32 1.77
C TYR B 426 -15.72 26.82 3.19
N GLY B 427 -16.46 27.88 3.52
CA GLY B 427 -16.34 28.49 4.82
C GLY B 427 -16.68 27.58 5.98
N ILE B 428 -17.76 26.80 5.87
CA ILE B 428 -18.28 26.14 7.07
C ILE B 428 -17.30 25.12 7.70
N VAL B 429 -16.73 24.27 6.86
CA VAL B 429 -15.90 23.20 7.38
C VAL B 429 -14.54 23.77 7.75
N TYR B 430 -14.19 24.93 7.18
CA TYR B 430 -12.96 25.65 7.58
C TYR B 430 -13.19 26.52 8.82
N GLY B 431 -14.40 26.52 9.34
CA GLY B 431 -14.70 27.09 10.64
C GLY B 431 -15.28 28.50 10.65
N ILE B 432 -15.88 28.92 9.55
CA ILE B 432 -16.41 30.28 9.50
C ILE B 432 -17.62 30.38 10.42
N SER B 433 -17.88 31.57 10.97
CA SER B 433 -19.09 31.77 11.75
C SER B 433 -20.00 32.72 10.99
N ASP B 434 -21.18 32.98 11.54
CA ASP B 434 -22.09 33.91 10.90
C ASP B 434 -21.50 35.31 10.71
N TYR B 435 -20.59 35.72 11.59
CA TYR B 435 -19.94 37.03 11.47
C TYR B 435 -19.04 37.10 10.24
N GLY B 436 -18.13 36.14 10.09
CA GLY B 436 -17.27 36.09 8.92
C GLY B 436 -18.02 35.99 7.61
N LEU B 437 -19.08 35.20 7.59
CA LEU B 437 -19.87 35.02 6.37
C LEU B 437 -20.54 36.35 6.01
N ALA B 438 -21.16 36.97 7.00
CA ALA B 438 -21.86 38.25 6.79
C ALA B 438 -20.88 39.33 6.36
N GLN B 439 -19.70 39.35 6.97
CA GLN B 439 -18.68 40.32 6.63
C GLN B 439 -18.12 40.10 5.23
N ASN B 440 -17.78 38.85 4.90
CA ASN B 440 -17.16 38.57 3.62
C ASN B 440 -18.16 38.75 2.48
N LEU B 441 -19.42 38.40 2.71
CA LEU B 441 -20.44 38.53 1.68
C LEU B 441 -21.18 39.88 1.66
N ASN B 442 -20.95 40.70 2.68
CA ASN B 442 -21.68 41.94 2.89
C ASN B 442 -23.18 41.70 2.94
N ILE B 443 -23.60 40.80 3.82
CA ILE B 443 -25.00 40.54 4.06
C ILE B 443 -25.29 40.52 5.56
N SER B 444 -26.58 40.45 5.86
CA SER B 444 -27.10 40.38 7.20
C SER B 444 -26.44 39.24 7.96
N ARG B 445 -26.08 39.47 9.23
CA ARG B 445 -25.66 38.34 10.10
C ARG B 445 -26.81 37.38 10.39
N LYS B 446 -28.02 37.91 10.49
CA LYS B 446 -29.19 37.05 10.61
C LYS B 446 -29.32 36.11 9.41
N GLU B 447 -29.12 36.65 8.20
CA GLU B 447 -29.16 35.81 6.99
C GLU B 447 -28.04 34.79 6.93
N ALA B 448 -26.83 35.22 7.27
CA ALA B 448 -25.68 34.34 7.32
C ALA B 448 -25.92 33.16 8.26
N ALA B 449 -26.49 33.45 9.41
CA ALA B 449 -26.75 32.41 10.39
C ALA B 449 -27.77 31.41 9.84
N GLU B 450 -28.74 31.92 9.08
CA GLU B 450 -29.73 31.05 8.47
C GLU B 450 -29.08 30.15 7.45
N PHE B 451 -28.14 30.69 6.66
CA PHE B 451 -27.40 29.90 5.70
C PHE B 451 -26.76 28.68 6.40
N ILE B 452 -26.13 28.94 7.53
CA ILE B 452 -25.38 27.91 8.23
C ILE B 452 -26.33 26.84 8.77
N GLU B 453 -27.45 27.27 9.32
CA GLU B 453 -28.43 26.35 9.88
C GLU B 453 -28.97 25.44 8.79
N ARG B 454 -29.33 26.02 7.65
CA ARG B 454 -29.87 25.28 6.53
C ARG B 454 -28.81 24.33 5.94
N TYR B 455 -27.55 24.77 5.92
CA TYR B 455 -26.50 23.92 5.41
C TYR B 455 -26.40 22.63 6.25
N PHE B 456 -26.38 22.78 7.56
CA PHE B 456 -26.24 21.61 8.44
C PHE B 456 -27.49 20.73 8.44
N GLU B 457 -28.65 21.30 8.13
CA GLU B 457 -29.85 20.49 7.90
C GLU B 457 -29.72 19.60 6.68
N SER B 458 -29.11 20.13 5.62
CA SER B 458 -28.92 19.38 4.38
C SER B 458 -27.81 18.38 4.53
N PHE B 459 -26.77 18.75 5.30
CA PHE B 459 -25.56 17.96 5.34
C PHE B 459 -25.13 17.64 6.76
N PRO B 460 -25.98 16.91 7.48
CA PRO B 460 -25.68 16.69 8.90
C PRO B 460 -24.40 15.89 9.13
N GLY B 461 -23.97 15.11 8.16
CA GLY B 461 -22.72 14.39 8.29
C GLY B 461 -21.52 15.30 8.35
N VAL B 462 -21.62 16.46 7.73
CA VAL B 462 -20.55 17.43 7.83
C VAL B 462 -20.42 17.97 9.26
N LYS B 463 -21.52 18.26 9.94
CA LYS B 463 -21.47 18.66 11.33
CA LYS B 463 -21.46 18.65 11.34
C LYS B 463 -20.84 17.56 12.19
N ARG B 464 -21.23 16.32 11.93
CA ARG B 464 -20.70 15.18 12.71
C ARG B 464 -19.20 15.05 12.52
N TYR B 465 -18.73 15.21 11.30
CA TYR B 465 -17.30 15.18 10.97
C TYR B 465 -16.58 16.29 11.74
N MET B 466 -17.13 17.52 11.71
CA MET B 466 -16.45 18.64 12.34
C MET B 466 -16.30 18.37 13.84
N GLU B 467 -17.32 17.78 14.46
CA GLU B 467 -17.24 17.39 15.87
C GLU B 467 -16.26 16.25 16.11
N ASN B 468 -16.35 15.21 15.31
CA ASN B 468 -15.56 14.01 15.53
C ASN B 468 -14.07 14.28 15.30
N ILE B 469 -13.73 15.08 14.28
CA ILE B 469 -12.31 15.30 13.96
C ILE B 469 -11.60 16.12 15.05
N VAL B 470 -12.33 17.03 15.68
CA VAL B 470 -11.79 17.81 16.78
C VAL B 470 -11.58 16.88 18.00
N GLN B 471 -12.52 15.99 18.25
CA GLN B 471 -12.35 15.04 19.35
C GLN B 471 -11.14 14.12 19.09
N GLU B 472 -11.02 13.67 17.86
CA GLU B 472 -9.87 12.84 17.47
C GLU B 472 -8.55 13.57 17.65
N ALA B 473 -8.49 14.83 17.22
CA ALA B 473 -7.28 15.59 17.40
C ALA B 473 -6.90 15.73 18.91
N LYS B 474 -7.90 15.92 19.76
CA LYS B 474 -7.67 16.02 21.20
C LYS B 474 -7.16 14.71 21.76
N GLN B 475 -7.70 13.60 21.28
CA GLN B 475 -7.32 12.30 21.84
C GLN B 475 -5.94 11.85 21.37
N LYS B 476 -5.68 12.01 20.08
CA LYS B 476 -4.44 11.48 19.47
C LYS B 476 -3.30 12.48 19.49
N GLY B 477 -3.64 13.78 19.40
CA GLY B 477 -2.69 14.87 19.32
C GLY B 477 -2.38 15.38 17.92
N TYR B 478 -2.98 14.75 16.95
CA TYR B 478 -2.76 15.08 15.52
C TYR B 478 -3.96 14.64 14.70
N VAL B 479 -4.00 15.17 13.48
CA VAL B 479 -4.91 14.72 12.46
C VAL B 479 -4.15 14.23 11.25
N THR B 480 -4.83 13.42 10.42
CA THR B 480 -4.18 12.83 9.26
CA THR B 480 -4.23 12.68 9.33
C THR B 480 -4.99 12.91 8.00
N THR B 481 -4.31 12.69 6.89
CA THR B 481 -4.94 12.71 5.59
C THR B 481 -5.06 11.29 4.99
N LEU B 482 -5.70 11.22 3.83
CA LEU B 482 -5.90 9.95 3.12
C LEU B 482 -4.63 9.10 2.97
N LEU B 483 -3.52 9.74 2.59
CA LEU B 483 -2.27 9.01 2.38
C LEU B 483 -1.32 9.11 3.59
N HIS B 484 -1.86 9.49 4.74
CA HIS B 484 -1.21 9.37 6.06
C HIS B 484 -0.25 10.49 6.38
N ARG B 485 -0.45 11.63 5.73
CA ARG B 485 0.23 12.83 6.15
C ARG B 485 -0.31 13.16 7.53
N ARG B 486 0.49 13.80 8.41
CA ARG B 486 -0.04 14.23 9.71
C ARG B 486 0.29 15.66 10.06
N ARG B 487 -0.53 16.21 10.93
CA ARG B 487 -0.31 17.51 11.50
C ARG B 487 -0.63 17.49 12.98
N TYR B 488 0.38 17.76 13.80
CA TYR B 488 0.19 17.85 15.25
C TYR B 488 -0.49 19.15 15.60
N LEU B 489 -1.37 19.10 16.59
CA LEU B 489 -2.15 20.27 16.99
C LEU B 489 -2.12 20.40 18.52
N PRO B 490 -0.92 20.64 19.07
CA PRO B 490 -0.81 20.77 20.53
C PRO B 490 -1.69 21.87 21.12
N ASP B 491 -2.08 22.87 20.34
CA ASP B 491 -2.89 23.98 20.87
C ASP B 491 -4.36 23.62 21.05
N ILE B 492 -4.75 22.43 20.60
CA ILE B 492 -6.13 22.04 20.69
C ILE B 492 -6.45 21.73 22.16
N THR B 493 -5.43 21.58 22.99
CA THR B 493 -5.65 21.36 24.44
C THR B 493 -5.41 22.63 25.26
N SER B 494 -5.21 23.75 24.58
CA SER B 494 -5.03 25.03 25.24
C SER B 494 -6.25 25.45 26.04
N ARG B 495 -5.99 26.08 27.17
CA ARG B 495 -7.06 26.61 28.00
C ARG B 495 -7.57 27.96 27.47
N ASN B 496 -6.84 28.53 26.53
CA ASN B 496 -7.22 29.81 25.94
C ASN B 496 -8.18 29.60 24.78
N PHE B 497 -9.36 30.18 24.87
CA PHE B 497 -10.39 29.90 23.88
C PHE B 497 -9.97 30.18 22.44
N ASN B 498 -9.30 31.31 22.25
CA ASN B 498 -8.90 31.75 20.92
C ASN B 498 -7.84 30.82 20.30
N VAL B 499 -6.79 30.54 21.07
CA VAL B 499 -5.74 29.63 20.67
C VAL B 499 -6.32 28.24 20.32
N ARG B 500 -7.16 27.73 21.21
CA ARG B 500 -7.77 26.41 21.01
C ARG B 500 -8.67 26.42 19.78
N SER B 501 -9.44 27.50 19.61
CA SER B 501 -10.31 27.60 18.45
C SER B 501 -9.58 27.59 17.09
N PHE B 502 -8.45 28.27 16.98
CA PHE B 502 -7.66 28.21 15.75
C PHE B 502 -7.22 26.79 15.48
N ALA B 503 -6.81 26.09 16.53
CA ALA B 503 -6.41 24.69 16.39
C ALA B 503 -7.56 23.80 15.92
N GLU B 504 -8.76 24.04 16.44
CA GLU B 504 -9.93 23.28 16.03
C GLU B 504 -10.19 23.47 14.54
N ARG B 505 -10.04 24.70 14.07
CA ARG B 505 -10.26 24.96 12.67
C ARG B 505 -9.22 24.23 11.81
N MET B 506 -7.99 24.14 12.30
CA MET B 506 -6.94 23.42 11.59
C MET B 506 -7.26 21.95 11.56
N ALA B 507 -7.81 21.42 12.66
CA ALA B 507 -8.19 20.03 12.68
C ALA B 507 -9.24 19.72 11.62
N MET B 508 -10.20 20.62 11.44
CA MET B 508 -11.25 20.40 10.46
C MET B 508 -10.76 20.48 9.02
N ASN B 509 -9.88 21.42 8.73
CA ASN B 509 -9.48 21.69 7.34
C ASN B 509 -8.36 20.80 6.86
N THR B 510 -7.48 20.40 7.75
CA THR B 510 -6.26 19.72 7.31
C THR B 510 -6.51 18.38 6.61
N PRO B 511 -7.40 17.53 7.14
CA PRO B 511 -7.65 16.30 6.39
C PRO B 511 -8.26 16.50 5.02
N ILE B 512 -9.00 17.57 4.86
CA ILE B 512 -9.65 17.89 3.60
CA ILE B 512 -9.64 17.85 3.59
C ILE B 512 -8.64 18.46 2.59
N GLN B 513 -8.01 19.58 2.96
CA GLN B 513 -7.02 20.21 2.08
C GLN B 513 -5.83 19.28 1.81
N GLY B 514 -5.43 18.56 2.85
CA GLY B 514 -4.29 17.67 2.80
C GLY B 514 -4.54 16.42 1.96
N SER B 515 -5.73 15.86 2.07
CA SER B 515 -6.06 14.71 1.25
C SER B 515 -6.11 15.12 -0.23
N ALA B 516 -6.67 16.27 -0.51
CA ALA B 516 -6.70 16.77 -1.87
C ALA B 516 -5.25 16.93 -2.40
N ALA B 517 -4.35 17.40 -1.56
CA ALA B 517 -2.94 17.51 -1.92
C ALA B 517 -2.35 16.15 -2.23
N ASP B 518 -2.63 15.17 -1.37
CA ASP B 518 -2.18 13.79 -1.59
C ASP B 518 -2.59 13.26 -2.97
N ILE B 519 -3.85 13.50 -3.32
CA ILE B 519 -4.46 12.96 -4.52
C ILE B 519 -3.76 13.51 -5.76
N ILE B 520 -3.56 14.82 -5.82
CA ILE B 520 -3.00 15.41 -7.03
C ILE B 520 -1.53 15.01 -7.15
N LYS B 521 -0.84 14.88 -6.01
CA LYS B 521 0.55 14.38 -6.01
C LYS B 521 0.64 12.97 -6.61
N LYS B 522 -0.26 12.10 -6.19
CA LYS B 522 -0.29 10.74 -6.70
C LYS B 522 -0.61 10.77 -8.20
N ALA B 523 -1.55 11.62 -8.56
CA ALA B 523 -1.89 11.80 -9.98
C ALA B 523 -0.69 12.19 -10.83
N MET B 524 0.17 13.07 -10.33
CA MET B 524 1.36 13.50 -11.08
C MET B 524 2.28 12.31 -11.33
N ILE B 525 2.43 11.48 -10.32
CA ILE B 525 3.30 10.30 -10.44
C ILE B 525 2.74 9.28 -11.43
N ASP B 526 1.44 9.01 -11.28
CA ASP B 526 0.75 8.12 -12.19
C ASP B 526 0.80 8.67 -13.64
N LEU B 527 0.62 9.98 -13.79
CA LEU B 527 0.65 10.59 -15.11
C LEU B 527 2.01 10.42 -15.76
N ASN B 528 3.07 10.78 -15.06
CA ASN B 528 4.40 10.58 -15.63
C ASN B 528 4.68 9.16 -16.06
N ALA B 529 4.26 8.21 -15.23
CA ALA B 529 4.42 6.82 -15.61
C ALA B 529 3.73 6.51 -16.94
N ARG B 530 2.48 6.96 -17.07
CA ARG B 530 1.73 6.73 -18.29
C ARG B 530 2.32 7.40 -19.52
N LEU B 531 2.74 8.68 -19.40
CA LEU B 531 3.37 9.38 -20.51
C LEU B 531 4.61 8.63 -20.98
N LYS B 532 5.37 8.06 -20.06
CA LYS B 532 6.58 7.31 -20.40
C LYS B 532 6.25 6.00 -21.11
N GLU B 533 5.25 5.31 -20.58
CA GLU B 533 4.80 4.05 -21.14
C GLU B 533 4.34 4.30 -22.57
N GLU B 534 3.66 5.41 -22.80
CA GLU B 534 3.11 5.71 -24.12
C GLU B 534 4.12 6.38 -25.06
N ARG B 535 5.34 6.60 -24.57
CA ARG B 535 6.39 7.28 -25.33
C ARG B 535 5.95 8.64 -25.89
N LEU B 536 5.24 9.40 -25.05
CA LEU B 536 4.79 10.72 -25.43
C LEU B 536 5.84 11.75 -25.04
N GLN B 537 5.95 12.80 -25.85
CA GLN B 537 6.82 13.92 -25.58
C GLN B 537 6.20 14.90 -24.60
N ALA B 538 4.88 14.86 -24.43
CA ALA B 538 4.18 15.68 -23.44
C ALA B 538 4.87 15.65 -22.10
N HIS B 539 4.94 16.80 -21.43
CA HIS B 539 5.38 16.82 -20.04
C HIS B 539 4.72 17.88 -19.19
N LEU B 540 4.79 17.68 -17.89
CA LEU B 540 4.32 18.60 -16.89
C LEU B 540 5.15 19.86 -16.86
N LEU B 541 4.46 20.98 -16.68
CA LEU B 541 5.09 22.25 -16.42
C LEU B 541 4.80 22.79 -15.04
N LEU B 542 3.52 22.74 -14.63
CA LEU B 542 3.12 23.35 -13.37
C LEU B 542 2.07 22.55 -12.68
N GLN B 543 2.03 22.68 -11.35
CA GLN B 543 0.88 22.21 -10.56
C GLN B 543 0.37 23.42 -9.78
N VAL B 544 -0.93 23.64 -9.78
CA VAL B 544 -1.55 24.76 -9.06
C VAL B 544 -2.66 24.26 -8.12
N HIS B 545 -2.24 23.37 -7.22
CA HIS B 545 -3.04 22.85 -6.11
C HIS B 545 -4.08 21.78 -6.51
N ASP B 546 -4.97 22.14 -7.43
CA ASP B 546 -5.96 21.21 -7.98
C ASP B 546 -5.92 21.12 -9.48
N GLU B 547 -4.83 21.61 -10.08
CA GLU B 547 -4.71 21.59 -11.51
C GLU B 547 -3.30 21.31 -11.94
N LEU B 548 -3.21 20.66 -13.09
CA LEU B 548 -1.95 20.36 -13.75
C LEU B 548 -1.89 21.02 -15.12
N ILE B 549 -0.72 21.57 -15.43
CA ILE B 549 -0.50 22.25 -16.70
C ILE B 549 0.66 21.53 -17.38
N LEU B 550 0.43 21.10 -18.61
CA LEU B 550 1.39 20.43 -19.44
C LEU B 550 1.61 21.18 -20.75
N GLU B 551 2.69 20.83 -21.44
CA GLU B 551 2.80 21.18 -22.85
C GLU B 551 3.11 19.93 -23.65
N ALA B 552 2.69 19.94 -24.91
CA ALA B 552 2.92 18.79 -25.78
C ALA B 552 2.82 19.18 -27.23
N PRO B 553 3.43 18.37 -28.14
CA PRO B 553 3.21 18.56 -29.57
C PRO B 553 1.75 18.51 -29.91
N LYS B 554 1.35 19.32 -30.86
CA LYS B 554 -0.03 19.36 -31.29
C LYS B 554 -0.55 17.95 -31.63
N GLU B 555 0.29 17.11 -32.22
CA GLU B 555 -0.13 15.77 -32.62
C GLU B 555 -0.43 14.82 -31.45
N GLU B 556 -0.16 15.26 -30.21
CA GLU B 556 -0.41 14.43 -29.04
C GLU B 556 -1.68 14.82 -28.33
N MET B 557 -2.34 15.88 -28.77
CA MET B 557 -3.46 16.40 -27.99
C MET B 557 -4.60 15.39 -27.88
N GLU B 558 -4.93 14.73 -28.98
CA GLU B 558 -6.08 13.81 -28.91
C GLU B 558 -5.83 12.71 -27.88
N ARG B 559 -4.63 12.15 -27.92
CA ARG B 559 -4.28 11.17 -26.88
C ARG B 559 -4.31 11.75 -25.48
N LEU B 560 -3.82 12.97 -25.30
CA LEU B 560 -3.82 13.59 -23.98
C LEU B 560 -5.22 13.88 -23.43
N CYS B 561 -6.15 14.25 -24.32
CA CYS B 561 -7.54 14.48 -23.97
C CYS B 561 -8.17 13.26 -23.33
N ARG B 562 -7.75 12.07 -23.73
CA ARG B 562 -8.23 10.86 -23.06
C ARG B 562 -7.40 10.40 -21.88
N LEU B 563 -6.09 10.51 -21.98
CA LEU B 563 -5.18 9.98 -20.97
CA LEU B 563 -5.15 9.99 -20.99
C LEU B 563 -5.15 10.79 -19.69
N VAL B 564 -5.05 12.12 -19.79
CA VAL B 564 -4.82 12.93 -18.58
C VAL B 564 -6.02 12.90 -17.62
N PRO B 565 -7.25 13.11 -18.12
CA PRO B 565 -8.37 13.03 -17.15
C PRO B 565 -8.54 11.64 -16.52
N GLU B 566 -8.33 10.60 -17.30
CA GLU B 566 -8.45 9.21 -16.78
C GLU B 566 -7.44 8.97 -15.67
N VAL B 567 -6.19 9.37 -15.89
CA VAL B 567 -5.18 9.17 -14.83
C VAL B 567 -5.49 9.96 -13.58
N MET B 568 -5.95 11.19 -13.74
CA MET B 568 -6.32 12.02 -12.61
C MET B 568 -7.56 11.51 -11.86
N GLU B 569 -8.55 11.03 -12.60
CA GLU B 569 -9.80 10.55 -12.00
C GLU B 569 -9.58 9.24 -11.26
N GLN B 570 -8.62 8.47 -11.70
CA GLN B 570 -8.34 7.15 -11.14
C GLN B 570 -7.22 7.08 -10.11
N ALA B 571 -6.66 8.23 -9.74
CA ALA B 571 -5.48 8.26 -8.84
C ALA B 571 -5.78 7.61 -7.49
N VAL B 572 -6.96 7.88 -6.95
CA VAL B 572 -7.45 7.21 -5.75
C VAL B 572 -8.90 6.79 -6.01
N THR B 573 -9.41 5.93 -5.16
CA THR B 573 -10.80 5.53 -5.23
C THR B 573 -11.48 6.03 -3.98
N LEU B 574 -12.39 6.98 -4.15
CA LEU B 574 -13.17 7.52 -3.06
C LEU B 574 -14.63 7.02 -3.15
N ARG B 575 -15.46 7.51 -2.22
CA ARG B 575 -16.85 7.08 -2.12
C ARG B 575 -17.69 7.89 -3.09
N VAL B 576 -17.07 8.90 -3.69
CA VAL B 576 -17.65 9.62 -4.81
C VAL B 576 -16.64 9.62 -5.97
N PRO B 577 -17.13 9.84 -7.20
CA PRO B 577 -16.21 9.98 -8.34
C PRO B 577 -15.42 11.26 -8.22
N LEU B 578 -14.21 11.23 -8.76
CA LEU B 578 -13.50 12.48 -9.06
C LEU B 578 -13.83 12.90 -10.46
N LYS B 579 -13.87 14.20 -10.70
CA LYS B 579 -14.22 14.72 -12.02
C LYS B 579 -13.12 15.67 -12.43
N VAL B 580 -12.66 15.56 -13.67
CA VAL B 580 -11.62 16.45 -14.18
C VAL B 580 -12.08 17.15 -15.45
N ASP B 581 -11.86 18.45 -15.51
CA ASP B 581 -12.17 19.26 -16.67
C ASP B 581 -10.83 19.60 -17.33
N TYR B 582 -10.85 19.78 -18.63
CA TYR B 582 -9.57 19.99 -19.32
C TYR B 582 -9.75 20.81 -20.60
N HIS B 583 -8.69 21.51 -20.97
CA HIS B 583 -8.74 22.38 -22.14
C HIS B 583 -7.33 22.51 -22.69
N TYR B 584 -7.21 22.86 -23.96
CA TYR B 584 -5.88 23.13 -24.49
C TYR B 584 -5.91 24.28 -25.49
N GLY B 585 -4.75 24.91 -25.71
CA GLY B 585 -4.69 25.97 -26.67
C GLY B 585 -3.27 26.48 -26.86
N SER B 586 -3.17 27.58 -27.60
CA SER B 586 -1.87 28.13 -28.02
C SER B 586 -1.09 28.81 -26.88
N THR B 587 -1.81 29.23 -25.84
CA THR B 587 -1.22 29.86 -24.67
C THR B 587 -1.98 29.36 -23.46
N TRP B 588 -1.46 29.62 -22.27
CA TRP B 588 -2.14 29.22 -21.05
C TRP B 588 -3.52 29.90 -20.97
N TYR B 589 -3.61 31.12 -21.48
CA TYR B 589 -4.89 31.83 -21.47
C TYR B 589 -5.94 31.06 -22.26
N ASP B 590 -5.50 30.44 -23.34
CA ASP B 590 -6.42 29.81 -24.29
C ASP B 590 -6.82 28.43 -23.86
N ALA B 591 -6.08 27.86 -22.93
CA ALA B 591 -6.37 26.53 -22.40
C ALA B 591 -7.51 26.70 -21.40
N LYS B 592 -8.65 27.11 -21.95
CA LYS B 592 -9.85 27.41 -21.19
C LYS B 592 -11.08 27.05 -22.02
N1 DOC C 9 -9.95 -26.74 8.86
C2 DOC C 9 -10.38 -25.53 8.37
N3 DOC C 9 -11.67 -25.36 8.01
C4 DOC C 9 -12.51 -26.42 8.10
C5 DOC C 9 -12.07 -27.67 8.63
C6 DOC C 9 -10.80 -27.81 8.99
O2 DOC C 9 -9.55 -24.60 8.29
N4 DOC C 9 -13.80 -26.24 7.73
C1' DOC C 9 -8.53 -26.88 9.30
C2' DOC C 9 -8.39 -26.53 10.78
C3' DOC C 9 -8.29 -27.87 11.49
C4' DOC C 9 -7.60 -28.72 10.42
O4' DOC C 9 -8.08 -28.17 9.15
C5' DOC C 9 -7.88 -30.22 10.45
O5' DOC C 9 -9.30 -30.43 10.53
P DOC C 9 -9.92 -31.89 10.62
OP1 DOC C 9 -9.12 -32.75 11.54
OP2 DOC C 9 -11.37 -31.72 10.81
H5 DOC C 9 -12.69 -28.43 8.71
H6 DOC C 9 -10.46 -28.66 9.36
HN41 DOC C 9 -14.44 -26.99 7.78
HN42 DOC C 9 -14.09 -25.37 7.39
H1' DOC C 9 -7.97 -26.27 8.77
H2' DOC C 9 -9.18 -26.04 11.09
H2'' DOC C 9 -7.58 -26.00 10.94
H4' DOC C 9 -6.63 -28.58 10.49
H5' DOC C 9 -7.53 -30.63 9.64
H5'' DOC C 9 -7.45 -30.61 11.24
N1 DOC E 9 -6.82 28.47 -3.73
C2 DOC E 9 -6.96 28.40 -2.34
N3 DOC E 9 -7.53 29.44 -1.70
C4 DOC E 9 -7.93 30.54 -2.35
C5 DOC E 9 -7.77 30.63 -3.78
C6 DOC E 9 -7.22 29.58 -4.42
O2 DOC E 9 -6.57 27.39 -1.71
N4 DOC E 9 -8.48 31.56 -1.63
C1' DOC E 9 -6.19 27.32 -4.48
C2' DOC E 9 -7.17 26.19 -4.79
C3' DOC E 9 -7.58 26.50 -6.23
C4' DOC E 9 -6.25 26.98 -6.81
O4' DOC E 9 -5.72 27.80 -5.71
C5' DOC E 9 -6.37 27.86 -8.01
O5' DOC E 9 -7.20 29.00 -7.73
P DOC E 9 -7.53 30.05 -8.91
OP1 DOC E 9 -7.60 29.31 -10.21
OP2 DOC E 9 -8.63 30.93 -8.47
H5 DOC E 9 -8.07 31.42 -4.27
H6 DOC E 9 -7.11 29.62 -5.39
HN41 DOC E 9 -8.77 32.38 -2.08
HN42 DOC E 9 -8.57 31.48 -0.66
H1' DOC E 9 -5.44 26.97 -3.96
H2' DOC E 9 -7.95 26.24 -4.20
H2'' DOC E 9 -6.72 25.33 -4.74
H4' DOC E 9 -5.65 26.22 -6.98
H5' DOC E 9 -5.48 28.17 -8.28
H5'' DOC E 9 -6.77 27.34 -8.75
C1 GLC G . 2.86 -24.71 -9.84
C2 GLC G . 1.65 -24.84 -10.77
C3 GLC G . 0.48 -25.53 -10.08
C4 GLC G . 0.80 -26.69 -9.12
C5 GLC G . 2.08 -26.37 -8.35
C6 GLC G . 2.55 -27.60 -7.59
O2 GLC G . 1.28 -23.59 -11.33
O3 GLC G . -0.82 -25.45 -10.67
O4 GLC G . -0.24 -27.02 -8.22
O5 GLC G . 3.12 -25.96 -9.24
O6 GLC G . 2.67 -28.69 -8.53
H1 GLC G . 3.72 -24.43 -10.45
H2 GLC G . 1.96 -25.49 -11.59
H3 GLC G . 0.64 -26.30 -10.84
H4 GLC G . 1.01 -27.55 -9.73
H5 GLC G . 1.87 -25.57 -7.62
H61 GLC G . 1.82 -27.87 -6.82
H62 GLC G . 3.51 -27.41 -7.12
HO2 GLC G . 1.87 -22.89 -10.99
HO3 GLC G . -0.77 -24.94 -11.51
HO4 GLC G . -1.01 -26.43 -8.38
HO6 GLC G . 2.43 -28.37 -9.43
C1 FRU G . 4.08 -22.05 -9.94
C2 FRU G . 3.81 -22.84 -8.66
C3 FRU G . 3.50 -21.96 -7.43
C4 FRU G . 3.93 -22.85 -6.27
C5 FRU G . 5.17 -23.50 -6.87
C6 FRU G . 5.40 -24.92 -6.39
O1 FRU G . 5.12 -21.12 -9.76
O2 FRU G . 2.67 -23.69 -8.84
O3 FRU G . 2.12 -21.60 -7.36
O4 FRU G . 4.17 -22.18 -5.02
O5 FRU G . 5.01 -23.54 -8.29
O6 FRU G . 6.40 -25.41 -7.24
H11 FRU G . 4.34 -22.74 -10.73
H12 FRU G . 3.17 -21.52 -10.24
H3 FRU G . 4.12 -21.06 -7.45
H4 FRU G . 3.17 -23.62 -6.13
H5 FRU G . 6.04 -22.90 -6.62
H61 FRU G . 4.49 -25.52 -6.48
H62 FRU G . 5.74 -24.92 -5.36
HO1 FRU G . 5.42 -20.79 -10.63
HO3 FRU G . 1.63 -21.99 -8.11
HO4 FRU G . 4.01 -21.22 -5.14
HO6 FRU G . 6.66 -24.71 -7.88
C1 GLC H . 15.44 27.30 0.67
C2 GLC H . 15.35 28.69 1.31
C3 GLC H . 14.02 29.37 1.00
C4 GLC H . 13.84 29.41 -0.50
C5 GLC H . 14.03 28.01 -1.11
C6 GLC H . 14.01 28.00 -2.63
O2 GLC H . 15.55 28.60 2.70
O3 GLC H . 13.95 30.69 1.54
O4 GLC H . 12.55 29.93 -0.83
O5 GLC H . 15.27 27.46 -0.73
O6 GLC H . 14.94 28.91 -3.19
H1 GLC H . 16.42 26.88 0.88
H2 GLC H . 16.14 29.30 0.88
H3 GLC H . 13.22 28.76 1.43
H4 GLC H . 14.61 30.07 -0.92
H5 GLC H . 13.21 27.37 -0.76
H61 GLC H . 13.01 28.24 -2.98
H62 GLC H . 14.25 27.00 -2.99
HO2 GLC H . 15.70 27.66 2.94
HO3 GLC H . 14.79 30.91 2.01
HO4 GLC H . 12.06 30.13 0.00
HO6 GLC H . 15.40 29.39 -2.46
C1 FRU H . 15.92 25.22 2.73
C2 FRU H . 14.85 25.17 1.63
C3 FRU H . 13.61 24.34 1.98
C4 FRU H . 13.09 23.91 0.61
C5 FRU H . 14.40 23.67 -0.12
C6 FRU H . 14.36 24.07 -1.59
O1 FRU H . 16.21 23.90 3.12
O2 FRU H . 14.42 26.50 1.26
O3 FRU H . 12.63 25.06 2.71
O4 FRU H . 12.20 22.77 0.57
O5 FRU H . 15.41 24.46 0.54
O6 FRU H . 15.66 23.79 -2.07
H11 FRU H . 15.55 25.79 3.59
H12 FRU H . 16.82 25.71 2.37
H3 FRU H . 13.92 23.47 2.55
H4 FRU H . 12.60 24.77 0.14
H5 FRU H . 14.65 22.61 -0.06
H61 FRU H . 13.62 23.50 -2.13
H62 FRU H . 14.14 25.14 -1.69
HO1 FRU H . 17.00 23.89 3.70
HO3 FRU H . 12.94 25.99 2.85
HO4 FRU H . 12.06 22.43 1.49
HO6 FRU H . 16.20 23.42 -1.34
N1 CTP I . -15.72 -25.57 12.37
C2 CTP I . -16.59 -24.69 11.73
N3 CTP I . -17.93 -24.56 12.21
C4 CTP I . -18.35 -25.28 13.29
C5 CTP I . -17.45 -26.17 13.96
C6 CTP I . -16.15 -26.31 13.50
O2 CTP I . -16.18 -23.97 10.64
N4 CTP I . -19.68 -25.16 13.77
C1' CTP I . -14.34 -25.74 11.94
C2' CTP I . -13.31 -24.70 12.12
O2' CTP I . -12.66 -24.39 10.96
C3' CTP I . -12.43 -25.47 13.03
C4' CTP I . -12.49 -26.86 12.47
O4' CTP I . -13.72 -26.99 11.76
O3' CTP I . -11.16 -24.95 13.04
C5' CTP I . -12.31 -27.93 13.53
O5' CTP I . -13.26 -27.74 14.57
PA CTP I . -13.18 -28.55 15.92
O1A CTP I . -14.51 -29.21 16.13
O2A CTP I . -12.28 -29.72 15.83
O3A CTP I . -12.78 -27.58 17.11
PB CTP I . -12.72 -27.88 18.67
O1B CTP I . -12.83 -26.56 19.36
O2B CTP I . -11.37 -28.40 19.07
O3B CTP I . -13.88 -28.83 19.11
PG CTP I . -13.90 -29.78 20.37
O1G CTP I . -15.25 -30.36 20.66
O2G CTP I . -12.99 -30.97 20.24
O3G CTP I . -13.54 -29.13 21.69
H5 CTP I . -17.75 -26.69 14.73
H6 CTP I . -15.53 -26.92 13.94
HN41 CTP I . -19.96 -25.64 14.49
HN42 CTP I . -20.26 -24.59 13.36
H1' CTP I . -14.21 -25.93 12.89
H2' CTP I . -13.66 -23.91 12.55
HO2' CTP I . -12.90 -23.59 10.68
H3' CTP I . -12.81 -25.45 13.93
H4' CTP I . -11.76 -26.96 11.84
HO3' CTP I . -11.05 -24.45 13.77
H5'1 CTP I . -11.42 -27.88 13.92
H5'2 CTP I . -12.44 -28.80 13.14
N1 CTP J . -11.61 28.26 -2.16
C2 CTP J . -11.56 28.52 -0.80
N3 CTP J . -10.85 27.63 0.00
C4 CTP J . -10.23 26.58 -0.61
C5 CTP J . -10.27 26.33 -2.01
C6 CTP J . -10.98 27.20 -2.79
O2 CTP J . -12.21 29.59 -0.28
N4 CTP J . -9.51 25.69 0.21
C1' CTP J . -12.33 29.14 -3.05
C2' CTP J . -12.06 30.58 -3.04
O2' CTP J . -13.21 31.33 -3.13
C3' CTP J . -11.30 30.58 -4.32
C4' CTP J . -12.13 29.64 -5.17
O4' CTP J . -12.75 28.70 -4.31
O3' CTP J . -11.17 31.87 -4.84
C5' CTP J . -11.35 28.88 -6.20
O5' CTP J . -12.23 28.16 -7.00
PA CTP J . -11.99 26.60 -7.15
O1A CTP J . -10.75 26.02 -6.51
O2A CTP J . -11.80 26.20 -8.59
O3A CTP J . -13.15 25.89 -6.38
PB CTP J . -14.37 25.14 -7.01
O1B CTP J . -15.06 24.54 -5.81
O2B CTP J . -13.86 24.04 -7.95
O3B CTP J . -15.35 26.24 -7.58
PG CTP J . -15.89 26.29 -9.09
O1G CTP J . -16.56 27.61 -9.23
O2G CTP J . -14.78 26.18 -10.09
O3G CTP J . -16.96 25.30 -9.52
H5 CTP J . -9.82 25.57 -2.41
H6 CTP J . -11.04 27.08 -3.76
HN41 CTP J . -9.09 24.98 -0.15
HN42 CTP J . -9.47 25.85 1.11
H1' CTP J . -11.46 29.11 -3.49
H2' CTP J . -11.51 30.85 -2.29
HO2' CTP J . -13.22 31.95 -2.49
H3' CTP J . -10.42 30.20 -4.16
H4' CTP J . -12.81 30.16 -5.62
HO3' CTP J . -10.33 32.12 -4.79
H5'1 CTP J . -10.75 28.26 -5.75
H5'2 CTP J . -10.84 29.49 -6.75
MN MN K . -12.97 24.82 -9.79
S SO4 L . 36.11 8.89 13.42
O1 SO4 L . 37.09 8.41 14.38
O2 SO4 L . 36.13 10.35 13.48
O3 SO4 L . 36.56 8.55 12.08
O4 SO4 L . 34.83 8.23 13.62
#